data_4R79
#
_entry.id   4R79
#
_cell.length_a   119.783
_cell.length_b   86.885
_cell.length_c   132.379
_cell.angle_alpha   90.00
_cell.angle_beta   99.03
_cell.angle_gamma   90.00
#
_symmetry.space_group_name_H-M   'P 1 21 1'
#
loop_
_entity.id
_entity.type
_entity.pdbx_description
1 polymer 'left Inverted repeat NTS'
2 polymer 'left Inverted repeat TS'
3 polymer 'left Inverted repeat NTS H'
4 polymer 'Mariner Mos1 transposase'
5 non-polymer 'SULFATE ION'
6 non-polymer 'MANGANESE (II) ION'
7 water water
#
loop_
_entity_poly.entity_id
_entity_poly.type
_entity_poly.pdbx_seq_one_letter_code
_entity_poly.pdbx_strand_id
1 'polydeoxyribonucleotide'
;(DG)(DG)(DT)(DG)(DT)(DA)(DC)(DA)(DA)(DG)(DT)(DA)(DG)(DG)(DG)(DA)(DA)(DT)(DG)(DT)
(DC)(DG)(DG)(DT)(DT)
;
C,E,G
2 'polydeoxyribonucleotide'
;(DA)(DA)(DC)(DC)(DG)(DA)(DC)(DA)(DT)(DT)(DC)(DC)(DC)(DT)(DA)(DC)(DT)(DT)(DG)(DT)
(DA)(DC)(DA)(DC)(DC)(DT)(DG)(DG)
;
D,F
3 'polydeoxyribonucleotide'
;(DA)(DA)(DC)(DC)(DG)(DA)(DC)(DA)(DT)(DT)(DC)(DC)(DC)(DT)(DA)(DC)(DT)(DT)(DG)(DT)
(DA)(DC)(DA)(DC)(DC)(DT)(DG)
;
H
4 'polypeptide(L)'
;MSSFVPNKEQTRTVLIFCFHLKKTAAESHRMLVEAFGEQVPTVKTCERWFQRFKSGDFDVDDKEHGKPPKRYEDAELQAL
LDEDDAQTQKQLAEQLEVSQQAVSNRLREMGKIQKVGRWVPHELNERQMERRKNTCEILLSRYKRKSFLHRIVTGDEKWI
FFVNPKRKKSYVDPGQPATSTARPNRFGKKTMLCVWWDQSGVIYYELLKPGETVNAARYQQQLINLNRALQRKRPEYQKR
QHRVIFLHDNAPSHTARAVRDTLETLNWEVLPHAAYSPDLAPSDYHLFASMGHALAEQRFDSYESVKKWLDEWFAAKDDE
FYWRGIHKLPERWEKCVASDGKYFE
;
A,B
#
# COMPACT_ATOMS: atom_id res chain seq x y z
N VAL G 5 8.37 -55.44 -2.81
CA VAL G 5 7.97 -54.21 -2.09
C VAL G 5 8.75 -52.94 -2.49
N PRO G 6 10.07 -53.06 -2.75
CA PRO G 6 11.02 -51.93 -2.71
C PRO G 6 10.99 -50.96 -3.89
N ASN G 7 11.27 -49.69 -3.62
CA ASN G 7 11.29 -48.65 -4.64
C ASN G 7 12.69 -48.42 -5.20
N LYS G 8 12.77 -47.73 -6.34
CA LYS G 8 14.05 -47.45 -7.00
C LYS G 8 15.14 -47.03 -6.02
N GLU G 9 14.72 -46.34 -4.96
CA GLU G 9 15.64 -45.92 -3.91
C GLU G 9 16.06 -47.11 -3.03
N GLN G 10 15.08 -47.77 -2.41
CA GLN G 10 15.34 -48.96 -1.60
C GLN G 10 16.03 -50.06 -2.40
N THR G 11 15.69 -50.16 -3.68
CA THR G 11 16.34 -51.10 -4.58
C THR G 11 17.84 -50.82 -4.76
N ARG G 12 18.19 -49.59 -5.12
CA ARG G 12 19.61 -49.24 -5.31
C ARG G 12 20.46 -49.49 -4.07
N THR G 13 19.88 -49.28 -2.88
CA THR G 13 20.60 -49.54 -1.64
C THR G 13 21.05 -50.98 -1.68
N VAL G 14 20.08 -51.89 -1.80
CA VAL G 14 20.37 -53.31 -1.87
C VAL G 14 21.50 -53.61 -2.84
N LEU G 15 21.37 -53.14 -4.08
CA LEU G 15 22.40 -53.36 -5.10
C LEU G 15 23.78 -52.78 -4.75
N ILE G 16 23.83 -51.86 -3.78
CA ILE G 16 25.11 -51.37 -3.25
C ILE G 16 25.63 -52.39 -2.24
N PHE G 17 24.72 -52.85 -1.39
CA PHE G 17 25.01 -53.89 -0.40
C PHE G 17 25.46 -55.17 -1.09
N CYS G 18 24.73 -55.55 -2.14
CA CYS G 18 25.06 -56.70 -2.97
C CYS G 18 26.35 -56.50 -3.74
N PHE G 19 26.65 -55.25 -4.07
CA PHE G 19 27.90 -54.93 -4.74
C PHE G 19 29.06 -55.19 -3.80
N HIS G 20 28.88 -54.77 -2.54
CA HIS G 20 29.93 -54.87 -1.52
C HIS G 20 30.12 -56.24 -0.88
N LEU G 21 29.49 -57.24 -1.47
CA LEU G 21 29.67 -58.62 -1.04
C LEU G 21 30.21 -59.42 -2.22
N LYS G 22 30.71 -58.69 -3.21
CA LYS G 22 31.31 -59.28 -4.41
C LYS G 22 30.31 -60.10 -5.25
N LYS G 23 29.01 -60.00 -4.93
CA LYS G 23 28.00 -60.66 -5.74
C LYS G 23 28.04 -60.05 -7.13
N THR G 24 27.83 -60.87 -8.16
CA THR G 24 27.72 -60.34 -9.51
C THR G 24 26.35 -59.74 -9.71
N ALA G 25 26.22 -58.91 -10.73
CA ALA G 25 24.95 -58.31 -11.08
C ALA G 25 23.83 -59.35 -11.06
N ALA G 26 23.90 -60.29 -11.99
CA ALA G 26 22.88 -61.32 -12.14
C ALA G 26 22.64 -62.09 -10.86
N GLU G 27 23.67 -62.20 -10.02
CA GLU G 27 23.53 -62.85 -8.72
C GLU G 27 22.61 -62.05 -7.80
N SER G 28 22.90 -60.76 -7.66
CA SER G 28 22.09 -59.89 -6.83
C SER G 28 20.63 -60.01 -7.23
N HIS G 29 20.35 -59.86 -8.53
CA HIS G 29 18.99 -59.92 -9.05
C HIS G 29 18.25 -61.17 -8.59
N ARG G 30 18.93 -62.31 -8.62
CA ARG G 30 18.35 -63.56 -8.14
C ARG G 30 17.95 -63.43 -6.66
N MET G 31 18.81 -62.80 -5.85
CA MET G 31 18.53 -62.60 -4.42
C MET G 31 17.32 -61.70 -4.17
N LEU G 32 17.14 -60.72 -5.05
CA LEU G 32 16.00 -59.81 -4.97
C LEU G 32 14.67 -60.56 -5.13
N VAL G 33 14.58 -61.43 -6.13
CA VAL G 33 13.36 -62.22 -6.33
C VAL G 33 13.19 -63.20 -5.19
N GLU G 34 14.30 -63.72 -4.69
CA GLU G 34 14.32 -64.62 -3.53
C GLU G 34 13.82 -63.87 -2.31
N ALA G 35 14.21 -62.59 -2.22
CA ALA G 35 13.90 -61.79 -1.03
C ALA G 35 12.50 -61.18 -1.06
N PHE G 36 12.18 -60.49 -2.15
CA PHE G 36 10.97 -59.69 -2.21
C PHE G 36 9.90 -60.25 -3.13
N GLY G 37 10.31 -61.11 -4.06
CA GLY G 37 9.37 -61.74 -4.99
C GLY G 37 9.60 -61.32 -6.41
N GLU G 38 8.65 -61.62 -7.27
CA GLU G 38 8.76 -61.36 -8.71
C GLU G 38 8.92 -59.86 -9.03
N GLN G 39 8.10 -59.04 -8.38
CA GLN G 39 8.01 -57.61 -8.69
C GLN G 39 9.25 -56.80 -8.29
N VAL G 40 10.36 -57.05 -8.97
CA VAL G 40 11.60 -56.34 -8.72
C VAL G 40 12.19 -55.98 -10.08
N PRO G 41 12.80 -54.79 -10.19
CA PRO G 41 13.38 -54.32 -11.46
C PRO G 41 14.11 -55.43 -12.24
N THR G 42 14.16 -55.29 -13.57
CA THR G 42 14.82 -56.27 -14.42
C THR G 42 16.33 -56.36 -14.18
N VAL G 43 16.92 -57.49 -14.58
CA VAL G 43 18.36 -57.70 -14.50
C VAL G 43 19.08 -56.54 -15.19
N LYS G 44 18.52 -56.11 -16.31
CA LYS G 44 19.12 -55.05 -17.11
C LYS G 44 19.43 -53.82 -16.23
N THR G 45 18.48 -53.42 -15.40
CA THR G 45 18.67 -52.26 -14.55
C THR G 45 19.55 -52.54 -13.34
N CYS G 46 19.91 -53.81 -13.14
CA CYS G 46 20.90 -54.14 -12.13
C CYS G 46 22.26 -54.02 -12.77
N GLU G 47 22.40 -54.64 -13.93
CA GLU G 47 23.64 -54.54 -14.69
C GLU G 47 24.04 -53.07 -14.87
N ARG G 48 23.03 -52.21 -14.96
CA ARG G 48 23.25 -50.78 -15.17
C ARG G 48 23.75 -50.10 -13.91
N TRP G 49 23.02 -50.30 -12.81
CA TRP G 49 23.44 -49.77 -11.53
C TRP G 49 24.88 -50.20 -11.29
N PHE G 50 25.15 -51.48 -11.56
CA PHE G 50 26.47 -52.02 -11.37
C PHE G 50 27.51 -51.27 -12.18
N GLN G 51 27.20 -51.02 -13.45
CA GLN G 51 28.13 -50.33 -14.34
C GLN G 51 28.56 -48.95 -13.81
N ARG G 52 27.67 -48.28 -13.09
CA ARG G 52 28.01 -46.99 -12.52
C ARG G 52 28.59 -47.10 -11.12
N PHE G 53 28.22 -48.14 -10.38
CA PHE G 53 28.81 -48.40 -9.08
C PHE G 53 30.33 -48.53 -9.18
N LYS G 54 30.78 -49.10 -10.30
CA LYS G 54 32.21 -49.35 -10.53
C LYS G 54 32.99 -48.06 -10.81
N SER G 55 32.28 -46.93 -10.82
CA SER G 55 32.90 -45.64 -11.14
C SER G 55 32.98 -44.74 -9.92
N GLY G 56 32.47 -45.24 -8.79
CA GLY G 56 32.39 -44.44 -7.57
C GLY G 56 31.10 -43.65 -7.52
N ASP G 57 30.22 -43.90 -8.49
CA ASP G 57 28.91 -43.27 -8.50
C ASP G 57 27.94 -44.08 -7.66
N PHE G 58 27.83 -43.73 -6.38
CA PHE G 58 26.78 -44.24 -5.52
C PHE G 58 25.81 -43.09 -5.29
N ASP G 59 25.88 -42.08 -6.15
CA ASP G 59 24.98 -40.95 -6.10
C ASP G 59 23.54 -41.42 -6.22
N VAL G 60 22.75 -41.08 -5.21
CA VAL G 60 21.37 -41.57 -5.10
C VAL G 60 20.38 -40.86 -6.02
N ASP G 61 20.63 -39.57 -6.28
CA ASP G 61 19.72 -38.72 -7.03
C ASP G 61 19.65 -39.08 -8.52
N ASP G 62 18.42 -39.15 -9.04
CA ASP G 62 18.20 -39.26 -10.49
C ASP G 62 18.99 -38.15 -11.17
N LYS G 63 19.52 -38.42 -12.37
CA LYS G 63 20.12 -37.34 -13.14
C LYS G 63 19.01 -36.38 -13.57
N GLU G 64 19.33 -35.10 -13.70
CA GLU G 64 18.34 -34.05 -13.95
C GLU G 64 17.44 -34.37 -15.16
N HIS G 65 16.11 -34.32 -14.93
CA HIS G 65 15.13 -34.71 -15.96
C HIS G 65 14.95 -33.73 -17.13
N GLY G 66 13.95 -34.00 -17.96
CA GLY G 66 13.63 -33.17 -19.11
C GLY G 66 12.72 -32.01 -18.76
N LYS G 67 12.93 -30.88 -19.43
CA LYS G 67 12.24 -29.63 -19.13
C LYS G 67 11.81 -28.90 -20.41
N PRO G 68 10.50 -28.61 -20.55
CA PRO G 68 10.06 -27.78 -21.67
C PRO G 68 10.96 -26.54 -21.80
N PRO G 69 11.31 -26.15 -23.03
CA PRO G 69 12.20 -25.00 -23.15
C PRO G 69 11.49 -23.72 -22.73
N LYS G 70 12.23 -22.80 -22.11
CA LYS G 70 11.66 -21.50 -21.74
C LYS G 70 11.27 -20.74 -23.00
N ARG G 71 10.01 -20.33 -23.09
CA ARG G 71 9.48 -19.70 -24.30
C ARG G 71 9.98 -18.28 -24.50
N TYR G 72 10.80 -17.80 -23.56
CA TYR G 72 11.48 -16.52 -23.68
C TYR G 72 12.62 -16.47 -22.68
N GLU G 73 13.71 -15.83 -23.07
CA GLU G 73 14.89 -15.73 -22.19
C GLU G 73 14.63 -14.84 -20.97
N ASP G 74 15.43 -15.04 -19.93
CA ASP G 74 15.38 -14.16 -18.77
C ASP G 74 15.77 -12.74 -19.14
N ALA G 75 16.94 -12.59 -19.75
CA ALA G 75 17.45 -11.27 -20.11
C ALA G 75 16.52 -10.53 -21.08
N GLU G 76 15.54 -11.26 -21.61
CA GLU G 76 14.57 -10.71 -22.56
C GLU G 76 13.48 -9.94 -21.82
N LEU G 77 12.85 -10.59 -20.84
CA LEU G 77 11.91 -9.92 -19.93
C LEU G 77 12.62 -8.86 -19.09
N GLN G 78 13.86 -9.14 -18.73
CA GLN G 78 14.71 -8.19 -18.01
C GLN G 78 14.95 -6.90 -18.78
N ALA G 79 15.10 -7.01 -20.10
CA ALA G 79 15.36 -5.83 -20.94
C ALA G 79 14.11 -5.02 -21.26
N LEU G 80 12.94 -5.63 -21.06
CA LEU G 80 11.69 -4.89 -21.11
C LEU G 80 11.60 -3.95 -19.91
N LEU G 81 11.91 -4.47 -18.73
CA LEU G 81 11.99 -3.66 -17.52
C LEU G 81 13.00 -2.54 -17.68
N ASP G 82 14.06 -2.81 -18.45
CA ASP G 82 15.14 -1.84 -18.66
C ASP G 82 14.70 -0.60 -19.45
N GLU G 83 13.52 -0.67 -20.05
CA GLU G 83 12.93 0.49 -20.74
C GLU G 83 11.91 1.15 -19.81
N ASP G 84 10.99 0.35 -19.29
CA ASP G 84 9.96 0.83 -18.37
C ASP G 84 9.77 -0.20 -17.27
N ASP G 85 10.38 0.06 -16.11
CA ASP G 85 10.36 -0.89 -14.99
C ASP G 85 9.01 -0.93 -14.27
N ALA G 86 8.10 -0.06 -14.66
CA ALA G 86 6.83 0.07 -13.98
C ALA G 86 5.65 -0.36 -14.84
N GLN G 87 5.77 -1.50 -15.51
CA GLN G 87 4.67 -2.03 -16.31
C GLN G 87 3.88 -3.09 -15.54
N THR G 88 2.65 -3.36 -15.96
CA THR G 88 1.87 -4.40 -15.31
C THR G 88 2.30 -5.76 -15.84
N GLN G 89 1.89 -6.83 -15.18
CA GLN G 89 2.17 -8.15 -15.67
C GLN G 89 1.50 -8.35 -17.02
N LYS G 90 0.19 -8.10 -17.07
CA LYS G 90 -0.54 -8.23 -18.32
C LYS G 90 0.16 -7.56 -19.50
N GLN G 91 0.78 -6.40 -19.24
CA GLN G 91 1.48 -5.65 -20.29
C GLN G 91 2.78 -6.32 -20.74
N LEU G 92 3.51 -6.86 -19.78
CA LEU G 92 4.72 -7.61 -20.07
C LEU G 92 4.36 -8.88 -20.81
N ALA G 93 3.30 -9.55 -20.33
CA ALA G 93 2.81 -10.77 -20.95
C ALA G 93 2.65 -10.61 -22.46
N GLU G 94 1.85 -9.63 -22.86
CA GLU G 94 1.52 -9.43 -24.26
C GLU G 94 2.67 -8.87 -25.09
N GLN G 95 3.87 -8.88 -24.52
CA GLN G 95 5.07 -8.53 -25.27
C GLN G 95 5.96 -9.76 -25.39
N LEU G 96 5.57 -10.82 -24.68
CA LEU G 96 6.35 -12.05 -24.62
C LEU G 96 5.50 -13.26 -25.01
N GLU G 97 4.30 -12.97 -25.51
CA GLU G 97 3.38 -14.01 -26.00
C GLU G 97 3.04 -15.11 -24.99
N VAL G 98 3.22 -14.80 -23.72
CA VAL G 98 2.84 -15.70 -22.63
C VAL G 98 1.70 -15.11 -21.81
N SER G 99 1.17 -15.89 -20.89
CA SER G 99 0.13 -15.42 -19.97
C SER G 99 0.74 -14.52 -18.90
N GLN G 100 -0.12 -13.84 -18.15
CA GLN G 100 0.36 -13.04 -17.04
C GLN G 100 0.83 -13.95 -15.93
N GLN G 101 0.06 -15.00 -15.66
CA GLN G 101 0.47 -15.99 -14.67
C GLN G 101 1.90 -16.42 -14.95
N ALA G 102 2.22 -16.57 -16.23
CA ALA G 102 3.56 -16.92 -16.65
C ALA G 102 4.56 -15.83 -16.26
N VAL G 103 4.18 -14.58 -16.49
CA VAL G 103 5.05 -13.46 -16.17
C VAL G 103 5.09 -13.21 -14.67
N SER G 104 4.08 -13.71 -13.96
CA SER G 104 4.08 -13.69 -12.50
C SER G 104 5.26 -14.51 -12.02
N ASN G 105 5.32 -15.74 -12.52
CA ASN G 105 6.28 -16.75 -12.10
C ASN G 105 7.73 -16.34 -12.33
N ARG G 106 8.05 -15.90 -13.53
CA ARG G 106 9.44 -15.67 -13.90
C ARG G 106 10.02 -14.47 -13.20
N LEU G 107 9.13 -13.54 -12.81
CA LEU G 107 9.54 -12.37 -12.04
C LEU G 107 9.81 -12.78 -10.59
N ARG G 108 9.07 -13.78 -10.12
CA ARG G 108 9.31 -14.39 -8.82
C ARG G 108 10.61 -15.18 -8.87
N GLU G 109 10.85 -15.84 -10.01
CA GLU G 109 12.03 -16.67 -10.22
C GLU G 109 13.28 -15.81 -10.34
N MET G 110 13.19 -14.70 -11.05
CA MET G 110 14.26 -13.71 -11.00
C MET G 110 14.11 -13.00 -9.66
N GLY G 111 15.13 -12.24 -9.26
CA GLY G 111 15.13 -11.62 -7.93
C GLY G 111 14.06 -10.58 -7.66
N LYS G 112 13.23 -10.34 -8.68
CA LYS G 112 12.37 -9.15 -8.74
C LYS G 112 11.24 -9.05 -7.71
N ILE G 113 11.09 -7.87 -7.14
CA ILE G 113 9.93 -7.54 -6.31
C ILE G 113 9.22 -6.29 -6.83
N GLN G 114 7.97 -6.11 -6.41
CA GLN G 114 7.19 -4.94 -6.77
C GLN G 114 7.16 -3.92 -5.62
N LYS G 115 7.66 -2.72 -5.87
CA LYS G 115 7.61 -1.64 -4.87
C LYS G 115 7.07 -0.33 -5.44
N VAL G 116 6.33 0.40 -4.62
CA VAL G 116 5.59 1.60 -5.05
C VAL G 116 6.41 2.88 -4.93
N GLY G 117 6.36 3.71 -5.97
CA GLY G 117 7.19 4.92 -6.07
C GLY G 117 6.93 6.02 -5.05
N ARG G 118 7.81 7.02 -5.06
CA ARG G 118 7.72 8.16 -4.15
C ARG G 118 6.86 9.26 -4.75
N TRP G 119 6.18 10.02 -3.90
CA TRP G 119 5.57 11.26 -4.36
C TRP G 119 6.65 12.31 -4.26
N VAL G 120 6.75 13.15 -5.29
CA VAL G 120 7.67 14.27 -5.27
C VAL G 120 6.87 15.58 -5.33
N PRO G 121 7.25 16.59 -4.52
CA PRO G 121 6.45 17.81 -4.35
C PRO G 121 6.01 18.49 -5.64
N HIS G 122 6.90 18.58 -6.63
CA HIS G 122 6.58 19.33 -7.83
C HIS G 122 7.31 18.80 -9.05
N GLU G 123 6.67 18.92 -10.22
CA GLU G 123 7.34 18.67 -11.49
C GLU G 123 8.32 19.81 -11.78
N LEU G 124 9.58 19.48 -12.06
CA LEU G 124 10.61 20.52 -12.22
C LEU G 124 11.01 20.81 -13.66
N ASN G 125 11.02 22.10 -14.01
CA ASN G 125 11.44 22.55 -15.33
C ASN G 125 12.94 22.42 -15.54
N GLU G 126 13.33 22.30 -16.81
CA GLU G 126 14.73 22.23 -17.21
C GLU G 126 15.55 23.30 -16.47
N ARG G 127 14.89 24.41 -16.13
CA ARG G 127 15.52 25.54 -15.45
C ARG G 127 15.42 25.41 -13.93
N GLN G 128 14.23 25.10 -13.42
CA GLN G 128 13.98 24.94 -11.99
C GLN G 128 15.16 24.21 -11.32
N MET G 129 15.67 23.20 -12.02
CA MET G 129 16.77 22.38 -11.53
C MET G 129 18.05 23.19 -11.49
N GLU G 130 18.38 23.88 -12.58
CA GLU G 130 19.57 24.72 -12.63
C GLU G 130 19.72 25.62 -11.41
N ARG G 131 18.62 26.24 -10.97
CA ARG G 131 18.64 27.11 -9.79
C ARG G 131 19.08 26.30 -8.58
N ARG G 132 18.47 25.13 -8.41
CA ARG G 132 18.81 24.25 -7.30
C ARG G 132 20.29 23.90 -7.32
N LYS G 133 20.73 23.30 -8.42
CA LYS G 133 22.12 22.92 -8.58
C LYS G 133 23.05 24.08 -8.20
N ASN G 134 22.73 25.28 -8.69
CA ASN G 134 23.54 26.46 -8.38
C ASN G 134 23.64 26.76 -6.90
N THR G 135 22.48 26.99 -6.28
CA THR G 135 22.43 27.26 -4.85
C THR G 135 23.26 26.24 -4.10
N CYS G 136 23.03 24.97 -4.42
CA CYS G 136 23.68 23.89 -3.70
C CYS G 136 25.19 23.93 -3.88
N GLU G 137 25.65 24.22 -5.10
CA GLU G 137 27.07 24.37 -5.36
C GLU G 137 27.60 25.54 -4.53
N ILE G 138 26.90 26.66 -4.62
CA ILE G 138 27.27 27.88 -3.93
C ILE G 138 27.45 27.67 -2.42
N LEU G 139 26.52 26.96 -1.80
CA LEU G 139 26.57 26.74 -0.36
C LEU G 139 27.72 25.83 0.04
N LEU G 140 27.95 24.81 -0.78
CA LEU G 140 29.04 23.88 -0.58
C LEU G 140 30.38 24.61 -0.64
N SER G 141 30.55 25.42 -1.68
CA SER G 141 31.76 26.23 -1.84
C SER G 141 32.07 26.95 -0.55
N ARG G 142 31.06 27.64 -0.03
CA ARG G 142 31.17 28.31 1.24
C ARG G 142 31.42 27.34 2.40
N TYR G 143 30.72 26.21 2.40
CA TYR G 143 30.89 25.21 3.46
C TYR G 143 32.32 24.71 3.62
N LYS G 144 33.00 24.52 2.48
CA LYS G 144 34.39 24.05 2.49
C LYS G 144 35.34 25.08 3.07
N ARG G 145 35.20 26.35 2.67
CA ARG G 145 36.00 27.43 3.22
C ARG G 145 35.88 27.57 4.73
N LYS G 146 34.64 27.49 5.23
CA LYS G 146 34.40 27.57 6.66
C LYS G 146 33.01 27.03 7.05
N SER G 147 32.99 26.07 7.97
CA SER G 147 31.73 25.60 8.54
C SER G 147 30.96 26.81 9.03
N PHE G 148 29.68 26.88 8.69
CA PHE G 148 28.86 28.01 9.10
C PHE G 148 27.49 27.59 9.57
N LEU G 149 27.25 26.28 9.58
CA LEU G 149 25.97 25.72 10.01
C LEU G 149 25.65 26.12 11.45
N HIS G 150 26.71 26.26 12.25
CA HIS G 150 26.67 26.68 13.65
C HIS G 150 26.02 28.04 13.82
N ARG G 151 25.90 28.77 12.71
CA ARG G 151 25.30 30.10 12.66
C ARG G 151 23.86 30.06 12.13
N ILE G 152 23.43 28.91 11.64
CA ILE G 152 22.14 28.83 10.94
C ILE G 152 20.94 28.83 11.86
N VAL G 153 19.98 29.68 11.55
CA VAL G 153 18.71 29.71 12.25
C VAL G 153 17.65 29.66 11.18
N THR G 154 17.05 28.49 11.01
CA THR G 154 15.97 28.34 10.05
C THR G 154 14.63 28.18 10.76
N GLY G 155 13.57 28.28 9.97
CA GLY G 155 12.22 28.15 10.47
C GLY G 155 11.24 28.09 9.31
N ASP G 156 10.08 27.49 9.56
CA ASP G 156 9.04 27.41 8.55
C ASP G 156 7.66 27.25 9.13
N GLU G 157 6.69 27.03 8.24
CA GLU G 157 5.28 27.10 8.57
C GLU G 157 4.58 25.81 8.15
N LYS G 158 3.79 25.24 9.07
CA LYS G 158 3.15 23.95 8.84
C LYS G 158 1.83 23.84 9.58
N TRP G 159 0.77 23.50 8.84
CA TRP G 159 -0.56 23.26 9.43
C TRP G 159 -0.56 22.11 10.45
N ILE G 160 -1.50 22.14 11.38
CA ILE G 160 -1.65 21.07 12.37
C ILE G 160 -3.13 20.87 12.64
N PHE G 161 -3.73 19.86 12.03
CA PHE G 161 -5.15 19.62 12.26
C PHE G 161 -5.45 19.18 13.70
N PHE G 162 -6.73 19.20 14.07
CA PHE G 162 -7.13 18.82 15.41
C PHE G 162 -7.46 17.33 15.48
N VAL G 163 -7.48 16.69 14.31
CA VAL G 163 -7.66 15.25 14.23
C VAL G 163 -6.83 14.72 13.06
N ASN G 164 -5.97 13.74 13.34
CA ASN G 164 -5.13 13.14 12.28
C ASN G 164 -5.27 11.63 12.24
N PRO G 165 -6.25 11.13 11.50
CA PRO G 165 -6.53 9.71 11.48
C PRO G 165 -5.80 9.02 10.33
N LYS G 166 -5.42 7.76 10.54
CA LYS G 166 -4.75 7.00 9.51
C LYS G 166 -5.60 5.78 9.20
N ARG G 167 -5.50 5.31 7.96
CA ARG G 167 -6.21 4.12 7.54
C ARG G 167 -5.64 2.96 8.31
N LYS G 168 -6.50 2.13 8.90
CA LYS G 168 -6.05 1.10 9.82
C LYS G 168 -5.81 -0.26 9.16
N LYS G 169 -4.74 -0.93 9.59
CA LYS G 169 -4.35 -2.23 9.03
C LYS G 169 -4.69 -3.35 10.00
N SER G 170 -5.56 -4.26 9.55
CA SER G 170 -6.06 -5.32 10.41
C SER G 170 -5.50 -6.68 10.04
N TYR G 171 -5.26 -7.49 11.06
CA TYR G 171 -4.85 -8.88 10.87
C TYR G 171 -6.07 -9.78 10.97
N VAL G 172 -6.55 -10.24 9.82
CA VAL G 172 -7.73 -11.09 9.76
C VAL G 172 -7.66 -12.15 8.66
N ASP G 173 -8.45 -13.21 8.84
CA ASP G 173 -8.59 -14.28 7.85
C ASP G 173 -9.01 -13.71 6.49
N PRO G 174 -8.50 -14.30 5.39
CA PRO G 174 -8.75 -13.88 4.01
C PRO G 174 -10.22 -13.71 3.65
N GLY G 175 -10.52 -12.73 2.83
CA GLY G 175 -11.88 -12.44 2.44
C GLY G 175 -12.71 -11.90 3.57
N GLN G 176 -12.07 -11.13 4.46
CA GLN G 176 -12.80 -10.48 5.53
C GLN G 176 -12.42 -9.00 5.68
N PRO G 177 -13.34 -8.20 6.24
CA PRO G 177 -13.19 -6.76 6.24
C PRO G 177 -12.20 -6.27 7.30
N ALA G 178 -11.38 -5.30 6.92
CA ALA G 178 -10.42 -4.70 7.86
C ALA G 178 -10.98 -3.42 8.47
N THR G 179 -10.98 -3.32 9.81
CA THR G 179 -11.61 -2.18 10.52
C THR G 179 -11.34 -0.80 9.93
N SER G 180 -12.42 -0.10 9.57
CA SER G 180 -12.32 1.07 8.71
C SER G 180 -12.42 2.41 9.43
N THR G 181 -11.79 3.42 8.83
CA THR G 181 -11.67 4.73 9.44
C THR G 181 -12.42 5.80 8.64
N ALA G 182 -12.93 6.81 9.35
CA ALA G 182 -13.66 7.92 8.73
C ALA G 182 -12.72 9.03 8.30
N ARG G 183 -12.90 9.49 7.06
CA ARG G 183 -12.02 10.47 6.45
C ARG G 183 -11.73 11.74 7.25
N PRO G 184 -10.50 12.28 7.09
CA PRO G 184 -10.16 13.59 7.62
C PRO G 184 -10.73 14.66 6.70
N ASN G 185 -11.60 15.51 7.23
CA ASN G 185 -12.24 16.55 6.43
C ASN G 185 -11.26 17.64 5.96
N ARG G 186 -11.20 17.83 4.65
CA ARG G 186 -10.29 18.81 4.04
C ARG G 186 -10.45 20.23 4.60
N PHE G 187 -11.66 20.56 5.02
CA PHE G 187 -11.99 21.88 5.53
C PHE G 187 -12.27 21.81 7.02
N GLY G 188 -11.45 21.05 7.74
CA GLY G 188 -11.61 20.92 9.17
C GLY G 188 -10.90 22.02 9.90
N LYS G 189 -11.00 21.99 11.23
CA LYS G 189 -10.29 22.93 12.09
C LYS G 189 -8.80 22.67 12.05
N LYS G 190 -8.02 23.74 11.92
CA LYS G 190 -6.57 23.65 11.87
C LYS G 190 -5.90 24.93 12.33
N THR G 191 -4.71 24.82 12.90
CA THR G 191 -3.94 26.00 13.31
C THR G 191 -2.55 26.00 12.70
N MET G 192 -2.17 27.11 12.07
CA MET G 192 -0.82 27.26 11.52
C MET G 192 0.22 27.37 12.62
N LEU G 193 1.25 26.53 12.55
CA LEU G 193 2.41 26.67 13.41
C LEU G 193 3.51 27.35 12.63
N CYS G 194 4.15 28.32 13.28
CA CYS G 194 5.32 28.97 12.74
C CYS G 194 6.40 28.78 13.79
N VAL G 195 7.48 28.11 13.42
CA VAL G 195 8.51 27.77 14.38
C VAL G 195 9.91 28.05 13.85
N TRP G 196 10.76 28.57 14.74
CA TRP G 196 12.15 28.85 14.40
C TRP G 196 13.07 28.12 15.35
N TRP G 197 14.14 27.56 14.79
CA TRP G 197 15.07 26.74 15.55
C TRP G 197 16.49 26.85 14.98
N ASP G 198 17.45 26.37 15.78
CA ASP G 198 18.84 26.29 15.36
C ASP G 198 19.45 24.97 15.84
N GLN G 199 20.69 24.73 15.46
CA GLN G 199 21.35 23.46 15.74
C GLN G 199 21.39 23.08 17.24
N SER G 200 20.90 23.97 18.09
CA SER G 200 20.95 23.72 19.51
C SER G 200 19.57 23.67 20.16
N GLY G 201 18.53 23.85 19.35
CA GLY G 201 17.16 23.76 19.84
C GLY G 201 16.17 24.68 19.16
N VAL G 202 14.97 24.74 19.70
CA VAL G 202 13.94 25.60 19.15
C VAL G 202 14.00 26.97 19.83
N ILE G 203 14.25 28.01 19.02
CA ILE G 203 14.42 29.37 19.53
C ILE G 203 13.10 30.00 19.91
N TYR G 204 12.15 30.02 18.97
CA TYR G 204 10.85 30.67 19.17
C TYR G 204 9.78 30.16 18.21
N TYR G 205 8.55 30.08 18.69
CA TYR G 205 7.43 29.70 17.83
C TYR G 205 6.11 30.36 18.19
N GLU G 206 5.29 30.60 17.19
CA GLU G 206 3.94 31.10 17.38
C GLU G 206 2.94 30.06 16.87
N LEU G 207 1.91 29.78 17.66
CA LEU G 207 0.81 28.96 17.17
C LEU G 207 -0.42 29.80 16.80
N LEU G 208 -0.62 30.03 15.51
CA LEU G 208 -1.69 30.91 15.05
C LEU G 208 -3.07 30.31 15.26
N LYS G 209 -4.03 31.18 15.57
CA LYS G 209 -5.42 30.78 15.78
C LYS G 209 -6.07 30.39 14.45
N PRO G 210 -7.12 29.55 14.51
CA PRO G 210 -7.81 29.02 13.34
C PRO G 210 -7.72 29.84 12.05
N GLY G 211 -8.45 30.94 11.95
CA GLY G 211 -8.54 31.70 10.71
C GLY G 211 -7.36 32.59 10.35
N GLU G 212 -6.32 32.61 11.20
CA GLU G 212 -5.23 33.59 11.07
C GLU G 212 -4.27 33.37 9.90
N THR G 213 -3.95 34.46 9.21
CA THR G 213 -3.07 34.44 8.04
C THR G 213 -1.63 34.78 8.44
N VAL G 214 -0.72 34.71 7.49
CA VAL G 214 0.61 35.30 7.62
C VAL G 214 0.88 36.23 6.43
N ASN G 215 0.92 37.53 6.71
CA ASN G 215 1.12 38.56 5.70
C ASN G 215 2.40 39.35 5.94
N ALA G 216 2.90 40.00 4.89
CA ALA G 216 4.12 40.80 4.98
C ALA G 216 4.16 41.47 6.34
N ALA G 217 3.01 41.99 6.74
CA ALA G 217 2.81 42.66 8.02
C ALA G 217 3.19 41.79 9.20
N ARG G 218 2.44 40.70 9.41
CA ARG G 218 2.64 39.82 10.56
C ARG G 218 4.01 39.16 10.56
N TYR G 219 4.48 38.76 9.38
CA TYR G 219 5.80 38.13 9.28
C TYR G 219 6.86 38.99 9.94
N GLN G 220 6.82 40.29 9.65
CA GLN G 220 7.71 41.25 10.29
C GLN G 220 7.65 41.11 11.80
N GLN G 221 6.51 41.49 12.37
CA GLN G 221 6.28 41.39 13.81
C GLN G 221 6.93 40.14 14.39
N GLN G 222 6.69 39.01 13.72
CA GLN G 222 7.23 37.72 14.14
C GLN G 222 8.75 37.70 14.28
N LEU G 223 9.47 37.97 13.19
CA LEU G 223 10.92 37.89 13.23
C LEU G 223 11.56 38.99 14.06
N ILE G 224 10.73 39.91 14.56
CA ILE G 224 11.17 40.88 15.55
C ILE G 224 11.03 40.25 16.94
N ASN G 225 9.95 39.51 17.14
CA ASN G 225 9.77 38.73 18.35
C ASN G 225 10.84 37.66 18.43
N LEU G 226 11.09 36.99 17.30
CA LEU G 226 12.16 36.01 17.19
C LEU G 226 13.46 36.65 17.66
N ASN G 227 13.74 37.84 17.14
CA ASN G 227 14.92 38.59 17.55
C ASN G 227 14.94 38.80 19.06
N ARG G 228 13.85 39.30 19.62
CA ARG G 228 13.76 39.49 21.07
C ARG G 228 14.05 38.19 21.81
N ALA G 229 13.44 37.09 21.38
CA ALA G 229 13.64 35.80 22.03
C ALA G 229 15.05 35.28 21.79
N LEU G 230 15.64 35.68 20.66
CA LEU G 230 16.99 35.26 20.32
C LEU G 230 17.99 35.86 21.30
N GLN G 231 17.78 37.13 21.64
CA GLN G 231 18.68 37.88 22.52
C GLN G 231 18.92 37.19 23.86
N ARG G 232 17.87 36.63 24.45
CA ARG G 232 17.99 35.97 25.75
C ARG G 232 18.40 34.50 25.66
N LYS G 233 17.78 33.76 24.74
CA LYS G 233 18.07 32.33 24.60
C LYS G 233 19.42 32.04 23.94
N ARG G 234 19.85 32.90 23.02
CA ARG G 234 21.16 32.80 22.40
C ARG G 234 22.02 34.04 22.71
N PRO G 235 22.75 34.01 23.84
CA PRO G 235 23.52 35.18 24.29
C PRO G 235 24.69 35.54 23.37
N GLU G 236 25.40 34.54 22.87
CA GLU G 236 26.60 34.75 22.05
C GLU G 236 26.35 35.57 20.79
N TYR G 237 25.12 35.53 20.26
CA TYR G 237 24.77 36.33 19.09
C TYR G 237 24.48 37.77 19.47
N ARG G 243 28.19 37.12 12.42
CA ARG G 243 26.87 37.38 12.98
C ARG G 243 25.88 36.20 12.92
N VAL G 244 24.77 36.37 12.22
CA VAL G 244 23.68 35.37 12.17
C VAL G 244 23.15 35.10 10.77
N ILE G 245 22.89 33.82 10.48
CA ILE G 245 22.38 33.39 9.18
C ILE G 245 20.94 32.87 9.26
N PHE G 246 20.09 33.35 8.35
CA PHE G 246 18.67 33.02 8.39
C PHE G 246 18.19 32.32 7.13
N LEU G 247 17.67 31.10 7.31
CA LEU G 247 17.17 30.29 6.22
C LEU G 247 15.65 30.14 6.26
N HIS G 248 14.98 30.49 5.16
CA HIS G 248 13.52 30.34 5.02
C HIS G 248 13.08 30.30 3.55
N ASP G 249 12.00 29.58 3.27
CA ASP G 249 11.58 29.37 1.89
C ASP G 249 11.01 30.63 1.26
N ASN G 250 10.75 30.57 -0.04
CA ASN G 250 10.37 31.76 -0.79
C ASN G 250 8.89 32.06 -0.77
N ALA G 251 8.32 32.07 0.42
CA ALA G 251 6.91 32.43 0.59
C ALA G 251 6.63 33.75 -0.11
N PRO G 252 5.42 33.93 -0.65
CA PRO G 252 5.12 35.25 -1.16
C PRO G 252 5.41 36.26 -0.05
N SER G 253 5.17 35.86 1.19
CA SER G 253 5.37 36.72 2.34
C SER G 253 6.85 36.91 2.71
N HIS G 254 7.68 35.92 2.43
CA HIS G 254 9.08 35.99 2.84
C HIS G 254 9.94 36.84 1.91
N THR G 255 9.47 37.08 0.69
CA THR G 255 10.23 37.88 -0.26
C THR G 255 9.76 39.33 -0.27
N ALA G 256 8.79 39.62 0.58
CA ALA G 256 8.20 40.96 0.66
C ALA G 256 9.26 42.06 0.74
N ARG G 257 9.10 43.07 -0.11
CA ARG G 257 9.96 44.25 -0.10
C ARG G 257 10.18 44.70 1.35
N ALA G 258 9.07 44.87 2.08
CA ALA G 258 9.10 45.33 3.47
C ALA G 258 9.98 44.45 4.37
N VAL G 259 9.77 43.14 4.28
CA VAL G 259 10.48 42.18 5.12
C VAL G 259 11.97 42.13 4.80
N ARG G 260 12.31 42.12 3.52
CA ARG G 260 13.71 42.14 3.10
C ARG G 260 14.47 43.19 3.92
N ASP G 261 13.84 44.35 4.08
CA ASP G 261 14.42 45.46 4.82
C ASP G 261 14.47 45.21 6.32
N THR G 262 13.47 44.49 6.85
CA THR G 262 13.42 44.15 8.26
C THR G 262 14.56 43.18 8.62
N LEU G 263 15.14 42.56 7.61
CA LEU G 263 16.23 41.62 7.81
C LEU G 263 17.58 42.32 7.72
N GLU G 264 17.69 43.27 6.79
CA GLU G 264 18.88 44.12 6.71
C GLU G 264 19.07 44.86 8.03
N THR G 265 17.99 45.49 8.50
CA THR G 265 18.01 46.29 9.71
C THR G 265 18.19 45.46 10.99
N LEU G 266 18.39 44.16 10.80
CA LEU G 266 18.70 43.25 11.92
C LEU G 266 20.12 42.71 11.76
N ASN G 267 20.76 43.04 10.64
CA ASN G 267 22.02 42.43 10.23
C ASN G 267 22.00 40.91 10.22
N TRP G 268 21.05 40.36 9.47
CA TRP G 268 20.93 38.91 9.29
C TRP G 268 21.23 38.51 7.85
N GLU G 269 22.09 37.52 7.71
CA GLU G 269 22.45 37.02 6.39
C GLU G 269 21.44 35.98 5.97
N VAL G 270 20.81 36.18 4.83
CA VAL G 270 19.84 35.20 4.36
C VAL G 270 20.40 34.29 3.27
N LEU G 271 20.67 33.04 3.66
CA LEU G 271 21.16 32.01 2.74
C LEU G 271 20.21 31.86 1.56
N PRO G 272 20.75 31.87 0.33
CA PRO G 272 19.92 31.72 -0.87
C PRO G 272 19.15 30.39 -0.84
N HIS G 273 17.97 30.38 -1.42
CA HIS G 273 17.11 29.20 -1.37
C HIS G 273 16.24 29.03 -2.63
N ALA G 274 16.48 27.97 -3.39
CA ALA G 274 15.69 27.70 -4.59
C ALA G 274 14.24 27.33 -4.25
N ALA G 275 13.33 27.52 -5.21
CA ALA G 275 11.93 27.21 -4.99
C ALA G 275 11.65 25.72 -5.20
N TYR G 276 10.52 25.26 -4.66
CA TYR G 276 10.14 23.86 -4.66
C TYR G 276 11.28 22.98 -4.16
N SER G 277 11.90 23.39 -3.06
CA SER G 277 13.04 22.66 -2.50
C SER G 277 12.92 22.33 -1.02
N PRO G 278 11.77 21.75 -0.62
CA PRO G 278 11.59 21.38 0.79
C PRO G 278 12.61 20.35 1.25
N ASP G 279 13.26 19.69 0.31
CA ASP G 279 14.29 18.71 0.63
C ASP G 279 15.57 19.39 1.07
N LEU G 280 15.58 20.71 1.05
CA LEU G 280 16.76 21.46 1.46
C LEU G 280 16.45 22.39 2.62
N ALA G 281 15.21 22.31 3.11
CA ALA G 281 14.77 23.07 4.27
C ALA G 281 14.68 22.17 5.49
N PRO G 282 15.63 22.31 6.42
CA PRO G 282 15.64 21.47 7.61
C PRO G 282 14.33 21.49 8.36
N SER G 283 13.60 22.59 8.29
CA SER G 283 12.30 22.65 8.97
C SER G 283 11.33 21.60 8.40
N ASP G 284 11.44 21.34 7.10
CA ASP G 284 10.56 20.42 6.41
C ASP G 284 11.06 18.97 6.36
N TYR G 285 12.29 18.76 5.88
CA TYR G 285 12.80 17.40 5.73
C TYR G 285 13.23 16.78 7.05
N HIS G 286 13.31 17.56 8.12
CA HIS G 286 13.74 17.01 9.41
C HIS G 286 12.77 17.24 10.58
N LEU G 287 12.60 18.48 11.00
CA LEU G 287 11.74 18.79 12.15
C LEU G 287 10.31 18.30 11.95
N PHE G 288 9.63 18.89 10.97
CA PHE G 288 8.24 18.53 10.71
C PHE G 288 8.05 17.04 10.40
N ALA G 289 8.90 16.52 9.51
CA ALA G 289 8.86 15.10 9.17
C ALA G 289 8.76 14.25 10.44
N SER G 290 9.53 14.61 11.46
CA SER G 290 9.47 13.88 12.72
C SER G 290 8.12 14.07 13.37
N MET G 291 7.64 15.31 13.39
CA MET G 291 6.38 15.61 14.01
C MET G 291 5.23 14.88 13.31
N GLY G 292 5.33 14.76 11.99
CA GLY G 292 4.36 13.99 11.19
C GLY G 292 4.05 12.63 11.81
N HIS G 293 5.09 11.84 12.03
CA HIS G 293 4.95 10.58 12.74
C HIS G 293 4.26 10.79 14.08
N ALA G 294 4.74 11.78 14.83
CA ALA G 294 4.28 11.98 16.20
C ALA G 294 2.81 12.41 16.31
N LEU G 295 2.30 12.99 15.23
CA LEU G 295 0.93 13.51 15.23
C LEU G 295 -0.10 12.46 14.84
N ALA G 296 0.37 11.29 14.41
CA ALA G 296 -0.52 10.25 13.92
C ALA G 296 -1.62 9.88 14.93
N GLU G 297 -2.85 9.81 14.43
CA GLU G 297 -4.01 9.42 15.24
C GLU G 297 -4.13 10.25 16.51
N GLN G 298 -3.36 11.33 16.60
CA GLN G 298 -3.35 12.20 17.77
C GLN G 298 -4.46 13.24 17.68
N ARG G 299 -5.23 13.37 18.76
CA ARG G 299 -6.34 14.31 18.82
C ARG G 299 -6.07 15.57 19.65
N PHE G 300 -6.67 16.68 19.22
CA PHE G 300 -6.55 17.93 19.93
C PHE G 300 -7.92 18.55 20.11
N ASP G 301 -8.42 18.51 21.34
CA ASP G 301 -9.75 19.05 21.66
C ASP G 301 -9.78 20.57 21.59
N SER G 302 -8.73 21.21 22.10
CA SER G 302 -8.66 22.67 22.14
C SER G 302 -7.29 23.21 21.76
N TYR G 303 -7.28 24.43 21.23
CA TYR G 303 -6.06 25.12 20.83
C TYR G 303 -5.01 25.15 21.94
N GLU G 304 -5.47 25.20 23.19
CA GLU G 304 -4.56 25.16 24.34
C GLU G 304 -3.67 23.92 24.35
N SER G 305 -4.29 22.75 24.15
CA SER G 305 -3.57 21.48 24.20
C SER G 305 -2.55 21.34 23.07
N VAL G 306 -2.88 21.84 21.87
CA VAL G 306 -1.92 21.85 20.76
C VAL G 306 -0.62 22.51 21.24
N LYS G 307 -0.74 23.68 21.86
CA LYS G 307 0.42 24.37 22.43
C LYS G 307 1.08 23.59 23.57
N LYS G 308 0.29 22.82 24.31
CA LYS G 308 0.85 22.05 25.42
C LYS G 308 1.60 20.82 24.91
N TRP G 309 1.04 20.14 23.91
CA TRP G 309 1.72 19.03 23.25
C TRP G 309 3.01 19.55 22.60
N LEU G 310 2.89 20.57 21.75
CA LEU G 310 4.04 21.15 21.09
C LEU G 310 5.12 21.51 22.09
N ASP G 311 4.72 22.09 23.22
CA ASP G 311 5.66 22.48 24.26
C ASP G 311 6.44 21.31 24.85
N GLU G 312 5.73 20.24 25.18
CA GLU G 312 6.37 19.08 25.77
C GLU G 312 7.08 18.25 24.70
N TRP G 313 6.63 18.37 23.45
CA TRP G 313 7.25 17.66 22.33
C TRP G 313 8.64 18.20 22.00
N PHE G 314 8.74 19.52 21.84
CA PHE G 314 10.03 20.17 21.59
C PHE G 314 10.96 19.95 22.78
N ALA G 315 10.43 20.18 23.97
CA ALA G 315 11.18 20.05 25.21
C ALA G 315 11.77 18.65 25.40
N ALA G 316 10.93 17.63 25.19
CA ALA G 316 11.34 16.26 25.42
C ALA G 316 12.24 15.67 24.33
N LYS G 317 12.56 16.48 23.32
CA LYS G 317 13.57 16.10 22.33
C LYS G 317 14.94 16.15 22.99
N ASP G 318 15.92 15.46 22.41
CA ASP G 318 17.29 15.58 22.88
C ASP G 318 17.97 16.79 22.25
N ASP G 319 19.27 16.91 22.45
CA ASP G 319 20.02 17.97 21.79
C ASP G 319 20.37 17.55 20.38
N GLU G 320 20.96 16.35 20.26
CA GLU G 320 21.42 15.85 18.97
C GLU G 320 20.35 15.91 17.89
N PHE G 321 19.09 15.66 18.27
CA PHE G 321 18.00 15.62 17.28
C PHE G 321 18.01 16.83 16.36
N TYR G 322 18.13 18.02 16.95
CA TYR G 322 18.21 19.26 16.19
C TYR G 322 19.55 19.36 15.48
N TRP G 323 20.63 19.18 16.23
CA TRP G 323 21.96 19.16 15.64
C TRP G 323 21.99 18.35 14.35
N ARG G 324 21.48 17.11 14.41
CA ARG G 324 21.48 16.19 13.28
C ARG G 324 20.71 16.74 12.09
N GLY G 325 19.57 17.36 12.36
CA GLY G 325 18.76 17.95 11.31
C GLY G 325 19.59 18.88 10.46
N ILE G 326 20.29 19.78 11.12
CA ILE G 326 21.03 20.86 10.46
C ILE G 326 22.28 20.36 9.74
N HIS G 327 22.97 19.40 10.34
CA HIS G 327 24.23 18.95 9.78
C HIS G 327 24.06 18.00 8.61
N LYS G 328 22.82 17.60 8.35
CA LYS G 328 22.53 16.81 7.17
C LYS G 328 22.44 17.68 5.91
N LEU G 329 22.50 18.99 6.10
CA LEU G 329 22.45 19.93 4.97
C LEU G 329 23.53 19.68 3.92
N PRO G 330 24.82 19.71 4.34
CA PRO G 330 25.88 19.52 3.36
C PRO G 330 25.67 18.27 2.53
N GLU G 331 25.33 17.17 3.20
CA GLU G 331 25.06 15.90 2.54
C GLU G 331 23.98 16.08 1.47
N ARG G 332 22.95 16.85 1.81
CA ARG G 332 21.86 17.10 0.88
C ARG G 332 22.28 18.00 -0.27
N TRP G 333 22.98 19.08 0.02
CA TRP G 333 23.50 19.94 -1.03
C TRP G 333 24.33 19.10 -2.00
N GLU G 334 25.11 18.16 -1.47
CA GLU G 334 25.90 17.27 -2.32
C GLU G 334 25.01 16.45 -3.26
N LYS G 335 24.09 15.67 -2.70
CA LYS G 335 23.15 14.93 -3.51
C LYS G 335 22.46 15.88 -4.49
N CYS G 336 21.95 16.98 -3.96
CA CYS G 336 21.25 18.00 -4.74
C CYS G 336 22.01 18.38 -6.01
N VAL G 337 23.34 18.28 -5.96
CA VAL G 337 24.19 18.57 -7.12
C VAL G 337 24.42 17.31 -7.94
N ALA G 338 24.74 16.21 -7.27
CA ALA G 338 24.98 14.93 -7.92
C ALA G 338 23.77 14.50 -8.73
N SER G 339 22.59 14.65 -8.11
CA SER G 339 21.31 14.37 -8.76
C SER G 339 20.98 15.42 -9.82
N ASP G 340 21.83 16.44 -9.89
CA ASP G 340 21.84 17.40 -11.00
C ASP G 340 20.70 18.40 -10.95
N GLY G 341 20.02 18.48 -9.82
CA GLY G 341 18.88 19.37 -9.66
C GLY G 341 17.59 18.62 -9.48
N LYS G 342 17.50 17.43 -10.08
CA LYS G 342 16.36 16.53 -9.89
C LYS G 342 16.29 16.22 -8.40
N TYR G 343 15.10 15.99 -7.89
CA TYR G 343 14.98 15.61 -6.49
C TYR G 343 15.87 14.39 -6.22
N PHE G 344 16.40 14.33 -5.00
CA PHE G 344 17.39 13.30 -4.68
C PHE G 344 16.89 12.41 -3.57
N GLU G 345 15.95 12.93 -2.79
CA GLU G 345 15.36 12.16 -1.70
C GLU G 345 14.81 10.84 -2.25
N VAL H 5 28.42 -46.58 1.82
CA VAL H 5 28.79 -46.20 3.21
C VAL H 5 27.55 -45.64 3.97
N PRO H 6 26.70 -46.56 4.45
CA PRO H 6 25.27 -46.38 4.80
C PRO H 6 24.93 -45.27 5.80
N ASN H 7 23.64 -44.92 5.81
CA ASN H 7 23.10 -43.95 6.75
C ASN H 7 21.97 -44.58 7.56
N LYS H 8 21.49 -43.84 8.56
CA LYS H 8 20.47 -44.38 9.46
C LYS H 8 19.16 -44.75 8.77
N GLU H 9 19.09 -44.47 7.47
CA GLU H 9 17.93 -44.84 6.67
C GLU H 9 18.29 -45.97 5.70
N GLN H 10 19.47 -45.86 5.08
CA GLN H 10 19.95 -46.85 4.10
C GLN H 10 20.20 -48.21 4.71
N THR H 11 20.65 -48.25 5.97
CA THR H 11 20.90 -49.51 6.65
C THR H 11 19.61 -50.25 6.92
N ARG H 12 18.53 -49.51 7.16
CA ARG H 12 17.22 -50.10 7.40
C ARG H 12 16.71 -50.86 6.17
N THR H 13 16.95 -50.31 4.97
CA THR H 13 16.62 -51.03 3.73
C THR H 13 17.29 -52.40 3.77
N VAL H 14 18.59 -52.40 4.04
CA VAL H 14 19.41 -53.60 4.14
C VAL H 14 18.87 -54.60 5.15
N LEU H 15 18.48 -54.10 6.32
CA LEU H 15 17.90 -54.96 7.34
C LEU H 15 16.57 -55.58 6.90
N ILE H 16 15.81 -54.85 6.09
CA ILE H 16 14.62 -55.41 5.47
C ILE H 16 15.05 -56.49 4.48
N PHE H 17 16.09 -56.17 3.70
CA PHE H 17 16.63 -57.10 2.73
C PHE H 17 17.06 -58.42 3.38
N CYS H 18 17.69 -58.33 4.53
CA CYS H 18 18.17 -59.52 5.24
C CYS H 18 17.04 -60.25 5.94
N PHE H 19 16.08 -59.50 6.46
CA PHE H 19 14.92 -60.09 7.10
C PHE H 19 14.24 -61.00 6.09
N HIS H 20 14.03 -60.49 4.88
CA HIS H 20 13.35 -61.23 3.83
C HIS H 20 14.24 -62.26 3.13
N LEU H 21 15.33 -62.63 3.76
CA LEU H 21 16.21 -63.69 3.28
C LEU H 21 16.48 -64.66 4.41
N LYS H 22 15.59 -64.62 5.42
CA LYS H 22 15.67 -65.48 6.59
C LYS H 22 17.07 -65.46 7.25
N LYS H 23 17.62 -64.26 7.42
CA LYS H 23 18.88 -64.09 8.12
C LYS H 23 18.60 -63.64 9.55
N THR H 24 19.39 -64.14 10.50
CA THR H 24 19.24 -63.74 11.90
C THR H 24 19.72 -62.32 12.11
N ALA H 25 19.11 -61.62 13.05
CA ALA H 25 19.45 -60.23 13.30
C ALA H 25 20.97 -60.07 13.37
N ALA H 26 21.58 -60.85 14.26
CA ALA H 26 23.03 -60.83 14.43
C ALA H 26 23.80 -61.23 13.17
N GLU H 27 23.25 -62.18 12.42
CA GLU H 27 23.82 -62.61 11.14
C GLU H 27 23.91 -61.44 10.17
N SER H 28 22.81 -60.70 10.07
CA SER H 28 22.69 -59.55 9.18
C SER H 28 23.76 -58.50 9.49
N HIS H 29 23.96 -58.25 10.79
CA HIS H 29 24.98 -57.31 11.25
C HIS H 29 26.38 -57.73 10.80
N ARG H 30 26.67 -59.03 10.91
CA ARG H 30 27.93 -59.55 10.45
C ARG H 30 28.10 -59.33 8.95
N MET H 31 27.00 -59.33 8.22
CA MET H 31 27.02 -59.05 6.79
C MET H 31 27.23 -57.56 6.52
N LEU H 32 26.64 -56.72 7.36
CA LEU H 32 26.80 -55.27 7.24
C LEU H 32 28.25 -54.89 7.35
N VAL H 33 28.91 -55.39 8.39
CA VAL H 33 30.32 -55.09 8.62
C VAL H 33 31.20 -55.68 7.51
N GLU H 34 30.83 -56.86 7.02
CA GLU H 34 31.54 -57.53 5.93
C GLU H 34 31.53 -56.67 4.68
N ALA H 35 30.34 -56.19 4.32
CA ALA H 35 30.15 -55.47 3.06
C ALA H 35 30.68 -54.05 3.13
N PHE H 36 30.15 -53.25 4.04
CA PHE H 36 30.45 -51.83 4.08
C PHE H 36 31.70 -51.50 4.89
N GLY H 37 31.75 -51.96 6.14
CA GLY H 37 32.93 -51.71 6.96
C GLY H 37 32.66 -51.73 8.45
N GLU H 38 33.30 -50.82 9.17
CA GLU H 38 33.26 -50.82 10.61
C GLU H 38 32.36 -49.73 11.20
N GLN H 39 31.78 -48.90 10.34
CA GLN H 39 30.99 -47.78 10.80
C GLN H 39 29.47 -47.95 10.66
N VAL H 40 29.04 -49.20 10.64
CA VAL H 40 27.61 -49.54 10.63
C VAL H 40 27.08 -49.42 12.07
N PRO H 41 25.75 -49.46 12.26
CA PRO H 41 25.25 -49.44 13.64
C PRO H 41 25.46 -50.76 14.39
N THR H 42 25.07 -50.79 15.66
CA THR H 42 25.23 -51.98 16.49
C THR H 42 24.20 -53.05 16.19
N VAL H 43 24.47 -54.24 16.72
CA VAL H 43 23.54 -55.35 16.61
C VAL H 43 22.28 -55.04 17.40
N LYS H 44 22.44 -54.32 18.52
CA LYS H 44 21.31 -53.95 19.36
C LYS H 44 20.22 -53.25 18.54
N THR H 45 20.62 -52.40 17.60
CA THR H 45 19.65 -51.75 16.72
C THR H 45 19.02 -52.76 15.77
N CYS H 46 19.85 -53.55 15.10
CA CYS H 46 19.34 -54.59 14.20
C CYS H 46 18.32 -55.48 14.91
N GLU H 47 18.63 -55.86 16.14
CA GLU H 47 17.71 -56.65 16.95
C GLU H 47 16.37 -55.93 17.12
N ARG H 48 16.44 -54.63 17.40
CA ARG H 48 15.26 -53.80 17.60
C ARG H 48 14.47 -53.69 16.29
N TRP H 49 15.15 -53.26 15.22
CA TRP H 49 14.54 -53.18 13.91
C TRP H 49 13.82 -54.49 13.62
N PHE H 50 14.57 -55.58 13.69
CA PHE H 50 14.02 -56.90 13.41
C PHE H 50 12.75 -57.16 14.20
N GLN H 51 12.75 -56.75 15.46
CA GLN H 51 11.62 -56.97 16.34
C GLN H 51 10.37 -56.25 15.85
N ARG H 52 10.57 -55.11 15.18
CA ARG H 52 9.43 -54.40 14.57
C ARG H 52 9.18 -54.89 13.15
N PHE H 53 10.18 -55.50 12.53
CA PHE H 53 9.97 -56.17 11.25
C PHE H 53 9.04 -57.37 11.46
N LYS H 54 9.26 -58.06 12.58
CA LYS H 54 8.51 -59.26 12.93
C LYS H 54 7.01 -59.03 13.08
N SER H 55 6.59 -57.77 12.93
CA SER H 55 5.20 -57.38 13.12
C SER H 55 4.49 -57.11 11.80
N GLY H 56 5.21 -56.53 10.85
CA GLY H 56 4.63 -56.07 9.59
C GLY H 56 4.95 -54.60 9.40
N ASP H 57 5.52 -54.00 10.43
CA ASP H 57 5.97 -52.61 10.38
C ASP H 57 7.31 -52.50 9.66
N PHE H 58 7.29 -51.99 8.44
CA PHE H 58 8.52 -51.70 7.71
C PHE H 58 8.62 -50.20 7.41
N ASP H 59 8.00 -49.39 8.26
CA ASP H 59 7.98 -47.93 8.10
C ASP H 59 9.35 -47.34 8.40
N VAL H 60 9.96 -46.72 7.38
CA VAL H 60 11.34 -46.25 7.49
C VAL H 60 11.54 -45.07 8.44
N ASP H 61 10.69 -44.06 8.32
CA ASP H 61 10.87 -42.79 9.03
C ASP H 61 10.64 -42.82 10.55
N ASP H 62 11.34 -41.94 11.26
CA ASP H 62 11.29 -41.85 12.71
C ASP H 62 9.87 -41.68 13.26
N LYS H 63 9.75 -41.76 14.57
CA LYS H 63 8.54 -41.31 15.24
C LYS H 63 8.73 -39.81 15.55
N GLU H 64 7.63 -39.07 15.67
CA GLU H 64 7.69 -37.64 15.94
C GLU H 64 8.51 -37.34 17.19
N HIS H 65 9.55 -36.52 17.03
CA HIS H 65 10.48 -36.18 18.11
C HIS H 65 9.88 -35.33 19.23
N GLY H 66 10.69 -35.04 20.24
CA GLY H 66 10.32 -34.13 21.29
C GLY H 66 10.49 -32.70 20.80
N LYS H 67 9.44 -31.90 20.97
CA LYS H 67 9.45 -30.51 20.54
C LYS H 67 9.26 -29.59 21.77
N PRO H 68 9.79 -28.35 21.71
CA PRO H 68 9.57 -27.41 22.82
C PRO H 68 8.08 -27.15 23.03
N PRO H 69 7.71 -26.51 24.16
CA PRO H 69 6.29 -26.25 24.35
C PRO H 69 5.88 -24.90 23.78
N LYS H 70 4.62 -24.78 23.35
CA LYS H 70 4.07 -23.49 22.94
C LYS H 70 3.97 -22.59 24.17
N ARG H 71 4.43 -21.35 24.04
CA ARG H 71 4.42 -20.41 25.17
C ARG H 71 3.08 -19.71 25.37
N TYR H 72 2.22 -19.77 24.35
CA TYR H 72 0.85 -19.28 24.42
C TYR H 72 0.03 -20.05 23.42
N GLU H 73 -1.29 -20.02 23.56
CA GLU H 73 -2.13 -20.78 22.65
C GLU H 73 -2.64 -19.97 21.47
N ASP H 74 -2.81 -20.61 20.33
CA ASP H 74 -3.33 -19.94 19.15
C ASP H 74 -4.61 -19.18 19.46
N ALA H 75 -5.48 -19.79 20.26
CA ALA H 75 -6.76 -19.18 20.59
C ALA H 75 -6.62 -18.01 21.56
N GLU H 76 -5.51 -17.99 22.30
CA GLU H 76 -5.22 -16.89 23.22
C GLU H 76 -4.81 -15.62 22.46
N LEU H 77 -4.13 -15.82 21.32
CA LEU H 77 -3.75 -14.74 20.41
C LEU H 77 -4.97 -14.29 19.63
N GLN H 78 -5.88 -15.22 19.41
CA GLN H 78 -7.13 -14.92 18.72
C GLN H 78 -8.01 -13.98 19.54
N ALA H 79 -8.00 -14.15 20.86
CA ALA H 79 -8.78 -13.28 21.75
C ALA H 79 -8.32 -11.82 21.68
N LEU H 80 -7.04 -11.62 21.34
CA LEU H 80 -6.48 -10.28 21.19
C LEU H 80 -6.99 -9.63 19.92
N LEU H 81 -7.19 -10.42 18.87
CA LEU H 81 -7.71 -9.88 17.61
C LEU H 81 -9.19 -9.59 17.74
N ASP H 82 -9.89 -10.45 18.49
CA ASP H 82 -11.31 -10.27 18.74
C ASP H 82 -11.56 -8.92 19.43
N GLU H 83 -10.61 -8.53 20.29
CA GLU H 83 -10.62 -7.22 20.91
C GLU H 83 -10.23 -6.14 19.90
N ASP H 84 -9.01 -6.26 19.35
CA ASP H 84 -8.51 -5.26 18.41
C ASP H 84 -7.73 -5.85 17.23
N ASP H 85 -8.47 -6.21 16.17
CA ASP H 85 -7.88 -6.90 15.01
C ASP H 85 -6.89 -6.05 14.21
N ALA H 86 -6.74 -4.79 14.58
CA ALA H 86 -5.72 -3.96 13.98
C ALA H 86 -4.74 -3.54 15.06
N GLN H 87 -3.71 -4.34 15.26
CA GLN H 87 -2.64 -4.01 16.21
C GLN H 87 -1.33 -4.35 15.55
N THR H 88 -0.29 -3.59 15.84
CA THR H 88 1.04 -3.90 15.32
C THR H 88 1.47 -5.20 15.98
N GLN H 89 2.42 -5.89 15.35
CA GLN H 89 2.87 -7.18 15.88
C GLN H 89 3.49 -6.98 17.24
N LYS H 90 4.33 -5.96 17.32
CA LYS H 90 5.01 -5.59 18.55
C LYS H 90 4.03 -5.51 19.72
N GLN H 91 2.88 -4.91 19.50
CA GLN H 91 1.85 -4.76 20.53
C GLN H 91 1.29 -6.09 21.02
N LEU H 92 1.07 -7.01 20.10
CA LEU H 92 0.59 -8.34 20.44
C LEU H 92 1.66 -9.08 21.21
N ALA H 93 2.88 -9.00 20.72
CA ALA H 93 4.03 -9.64 21.34
C ALA H 93 4.17 -9.27 22.81
N GLU H 94 3.98 -7.99 23.11
CA GLU H 94 4.08 -7.53 24.48
C GLU H 94 3.03 -8.17 25.35
N GLN H 95 1.78 -8.20 24.87
CA GLN H 95 0.68 -8.77 25.61
C GLN H 95 0.84 -10.29 25.81
N LEU H 96 1.58 -10.93 24.92
CA LEU H 96 1.81 -12.37 24.99
C LEU H 96 3.12 -12.71 25.69
N GLU H 97 3.96 -11.71 25.87
CA GLU H 97 5.26 -11.91 26.52
C GLU H 97 6.25 -12.62 25.61
N VAL H 98 5.93 -12.70 24.32
CA VAL H 98 6.87 -13.19 23.31
C VAL H 98 7.46 -12.04 22.50
N SER H 99 8.42 -12.35 21.64
CA SER H 99 8.99 -11.34 20.75
C SER H 99 8.04 -11.10 19.59
N GLN H 100 8.31 -10.04 18.83
CA GLN H 100 7.52 -9.74 17.64
C GLN H 100 7.68 -10.86 16.63
N GLN H 101 8.92 -11.12 16.25
CA GLN H 101 9.21 -12.18 15.30
C GLN H 101 8.40 -13.43 15.63
N ALA H 102 8.32 -13.74 16.92
CA ALA H 102 7.51 -14.84 17.41
C ALA H 102 6.07 -14.74 16.91
N VAL H 103 5.47 -13.57 17.02
CA VAL H 103 4.09 -13.39 16.59
C VAL H 103 3.99 -13.40 15.08
N SER H 104 4.98 -12.82 14.42
CA SER H 104 4.99 -12.82 12.96
C SER H 104 4.77 -14.24 12.45
N ASN H 105 5.41 -15.19 13.15
CA ASN H 105 5.33 -16.61 12.83
C ASN H 105 3.96 -17.22 13.12
N ARG H 106 3.40 -16.97 14.29
CA ARG H 106 2.13 -17.60 14.65
C ARG H 106 0.96 -17.08 13.84
N LEU H 107 1.15 -15.92 13.23
CA LEU H 107 0.14 -15.35 12.36
C LEU H 107 0.25 -16.02 11.00
N ARG H 108 1.47 -16.39 10.62
CA ARG H 108 1.70 -17.13 9.39
C ARG H 108 1.11 -18.52 9.58
N GLU H 109 1.35 -19.11 10.76
CA GLU H 109 0.85 -20.46 11.08
C GLU H 109 -0.67 -20.52 11.15
N MET H 110 -1.28 -19.50 11.74
CA MET H 110 -2.73 -19.37 11.66
C MET H 110 -3.09 -18.87 10.25
N GLY H 111 -4.38 -18.73 9.96
CA GLY H 111 -4.78 -18.30 8.61
C GLY H 111 -4.47 -16.85 8.25
N LYS H 112 -4.01 -16.10 9.25
CA LYS H 112 -4.11 -14.63 9.25
C LYS H 112 -3.30 -13.87 8.20
N ILE H 113 -3.97 -12.95 7.51
CA ILE H 113 -3.28 -11.97 6.65
C ILE H 113 -3.56 -10.51 7.07
N GLN H 114 -2.79 -9.57 6.52
CA GLN H 114 -2.91 -8.15 6.86
C GLN H 114 -3.64 -7.38 5.77
N LYS H 115 -4.68 -6.64 6.16
CA LYS H 115 -5.51 -5.88 5.22
C LYS H 115 -5.64 -4.41 5.60
N VAL H 116 -5.58 -3.53 4.59
CA VAL H 116 -5.79 -2.10 4.82
C VAL H 116 -7.28 -1.76 4.77
N GLY H 117 -7.76 -1.11 5.82
CA GLY H 117 -9.18 -0.81 5.99
C GLY H 117 -9.66 0.26 5.04
N ARG H 118 -10.94 0.62 5.12
CA ARG H 118 -11.51 1.54 4.16
C ARG H 118 -11.52 2.98 4.67
N TRP H 119 -11.63 3.91 3.74
CA TRP H 119 -12.01 5.27 4.11
C TRP H 119 -13.50 5.37 3.92
N VAL H 120 -14.23 5.57 5.02
CA VAL H 120 -15.65 5.88 4.91
C VAL H 120 -15.85 7.39 4.98
N PRO H 121 -16.73 7.92 4.11
CA PRO H 121 -16.86 9.35 3.84
C PRO H 121 -16.99 10.26 5.06
N HIS H 122 -17.62 9.76 6.13
CA HIS H 122 -17.95 10.59 7.28
C HIS H 122 -18.26 9.76 8.52
N GLU H 123 -17.86 10.24 9.69
CA GLU H 123 -18.20 9.60 10.95
C GLU H 123 -19.69 9.79 11.24
N LEU H 124 -20.45 8.69 11.29
CA LEU H 124 -21.92 8.79 11.38
C LEU H 124 -22.48 8.85 12.79
N ASN H 125 -23.49 9.70 12.97
CA ASN H 125 -24.16 9.89 14.26
C ASN H 125 -25.23 8.86 14.53
N GLU H 126 -25.38 8.51 15.80
CA GLU H 126 -26.44 7.60 16.23
C GLU H 126 -27.74 7.93 15.50
N ARG H 127 -27.93 9.22 15.23
CA ARG H 127 -29.13 9.73 14.56
C ARG H 127 -29.04 9.58 13.04
N GLN H 128 -27.94 10.06 12.48
CA GLN H 128 -27.71 10.02 11.04
C GLN H 128 -27.83 8.60 10.47
N MET H 129 -27.55 7.61 11.30
CA MET H 129 -27.68 6.20 10.93
C MET H 129 -29.16 5.83 10.79
N GLU H 130 -30.00 6.37 11.68
CA GLU H 130 -31.44 6.11 11.62
C GLU H 130 -32.07 6.73 10.38
N ARG H 131 -31.74 7.99 10.11
CA ARG H 131 -32.21 8.68 8.91
C ARG H 131 -31.97 7.82 7.67
N ARG H 132 -30.76 7.28 7.58
CA ARG H 132 -30.36 6.42 6.48
C ARG H 132 -31.21 5.15 6.46
N LYS H 133 -31.32 4.49 7.60
CA LYS H 133 -32.08 3.26 7.69
C LYS H 133 -33.49 3.49 7.16
N ASN H 134 -34.18 4.45 7.75
CA ASN H 134 -35.54 4.78 7.35
C ASN H 134 -35.64 4.97 5.85
N THR H 135 -35.02 6.03 5.34
CA THR H 135 -35.10 6.34 3.92
C THR H 135 -34.92 5.09 3.05
N CYS H 136 -33.85 4.34 3.32
CA CYS H 136 -33.61 3.08 2.64
C CYS H 136 -34.83 2.16 2.80
N GLU H 137 -35.29 1.99 4.04
CA GLU H 137 -36.48 1.18 4.33
C GLU H 137 -37.66 1.60 3.47
N ILE H 138 -37.99 2.89 3.51
CA ILE H 138 -39.14 3.44 2.79
C ILE H 138 -39.09 3.14 1.29
N LEU H 139 -37.98 3.49 0.66
CA LEU H 139 -37.81 3.32 -0.80
C LEU H 139 -37.93 1.87 -1.23
N LEU H 140 -37.44 0.98 -0.37
CA LEU H 140 -37.42 -0.45 -0.64
C LEU H 140 -38.79 -1.07 -0.44
N SER H 141 -39.49 -0.64 0.61
CA SER H 141 -40.86 -1.05 0.86
C SER H 141 -41.67 -0.81 -0.40
N ARG H 142 -41.38 0.32 -1.04
CA ARG H 142 -42.05 0.71 -2.26
C ARG H 142 -41.59 -0.11 -3.46
N TYR H 143 -40.27 -0.21 -3.64
CA TYR H 143 -39.73 -0.98 -4.76
C TYR H 143 -40.32 -2.40 -4.82
N LYS H 144 -40.49 -3.00 -3.64
CA LYS H 144 -41.15 -4.28 -3.50
C LYS H 144 -42.56 -4.23 -4.11
N ARG H 145 -43.33 -3.22 -3.73
CA ARG H 145 -44.70 -3.03 -4.23
C ARG H 145 -44.78 -2.80 -5.74
N LYS H 146 -44.05 -1.79 -6.22
CA LYS H 146 -44.06 -1.42 -7.64
C LYS H 146 -42.71 -0.81 -8.04
N SER H 147 -42.06 -1.43 -9.02
CA SER H 147 -40.76 -0.96 -9.49
C SER H 147 -40.83 0.47 -10.02
N PHE H 148 -40.17 1.39 -9.33
CA PHE H 148 -40.19 2.78 -9.74
C PHE H 148 -38.86 3.27 -10.30
N LEU H 149 -37.98 2.33 -10.66
CA LEU H 149 -36.61 2.67 -11.06
C LEU H 149 -36.48 3.31 -12.43
N HIS H 150 -37.22 2.80 -13.42
CA HIS H 150 -37.16 3.31 -14.78
C HIS H 150 -37.63 4.76 -14.88
N ARG H 151 -38.20 5.26 -13.78
CA ARG H 151 -38.65 6.65 -13.69
C ARG H 151 -37.60 7.52 -13.01
N ILE H 152 -36.55 6.90 -12.48
CA ILE H 152 -35.51 7.63 -11.77
C ILE H 152 -34.55 8.34 -12.72
N VAL H 153 -34.53 9.67 -12.63
CA VAL H 153 -33.51 10.48 -13.24
C VAL H 153 -32.75 11.09 -12.10
N THR H 154 -31.44 10.83 -12.09
CA THR H 154 -30.58 11.30 -11.02
C THR H 154 -29.33 11.98 -11.55
N GLY H 155 -28.72 12.82 -10.70
CA GLY H 155 -27.55 13.58 -11.08
C GLY H 155 -26.74 14.09 -9.91
N ASP H 156 -25.50 14.49 -10.18
CA ASP H 156 -24.60 15.02 -9.17
C ASP H 156 -23.51 15.82 -9.83
N GLU H 157 -22.60 16.33 -9.01
CA GLU H 157 -21.57 17.25 -9.45
C GLU H 157 -20.21 16.81 -8.92
N LYS H 158 -19.21 16.81 -9.79
CA LYS H 158 -17.91 16.24 -9.45
C LYS H 158 -16.77 16.94 -10.17
N TRP H 159 -15.77 17.34 -9.41
CA TRP H 159 -14.58 18.00 -9.96
C TRP H 159 -13.82 17.13 -10.95
N ILE H 160 -13.03 17.76 -11.81
CA ILE H 160 -12.16 17.05 -12.74
C ILE H 160 -10.88 17.87 -12.95
N PHE H 161 -9.79 17.45 -12.32
CA PHE H 161 -8.52 18.16 -12.48
C PHE H 161 -7.92 17.93 -13.87
N PHE H 162 -7.01 18.81 -14.28
CA PHE H 162 -6.44 18.76 -15.63
C PHE H 162 -5.22 17.83 -15.72
N VAL H 163 -4.82 17.30 -14.58
CA VAL H 163 -3.76 16.29 -14.53
C VAL H 163 -4.13 15.29 -13.46
N ASN H 164 -4.14 14.01 -13.80
CA ASN H 164 -4.49 12.98 -12.84
C ASN H 164 -3.41 11.92 -12.75
N PRO H 165 -2.39 12.14 -11.90
CA PRO H 165 -1.29 11.20 -11.83
C PRO H 165 -1.50 10.21 -10.71
N LYS H 166 -0.93 9.00 -10.86
CA LYS H 166 -0.93 8.02 -9.78
C LYS H 166 0.50 7.61 -9.40
N ARG H 167 0.71 7.27 -8.14
CA ARG H 167 2.00 6.74 -7.71
C ARG H 167 2.25 5.51 -8.57
N LYS H 168 3.47 5.37 -9.07
CA LYS H 168 3.79 4.27 -9.97
C LYS H 168 4.45 3.10 -9.27
N LYS H 169 4.03 1.88 -9.64
CA LYS H 169 4.53 0.67 -9.03
C LYS H 169 5.54 0.01 -9.97
N SER H 170 6.73 -0.26 -9.48
CA SER H 170 7.79 -0.80 -10.32
C SER H 170 8.21 -2.20 -9.90
N TYR H 171 8.62 -3.01 -10.88
CA TYR H 171 9.24 -4.31 -10.65
C TYR H 171 10.75 -4.18 -10.68
N VAL H 172 11.38 -4.42 -9.54
CA VAL H 172 12.79 -4.12 -9.37
C VAL H 172 13.48 -5.01 -8.35
N ASP H 173 14.80 -5.10 -8.46
CA ASP H 173 15.61 -5.82 -7.49
C ASP H 173 15.51 -5.11 -6.14
N PRO H 174 15.55 -5.86 -5.02
CA PRO H 174 15.47 -5.27 -3.68
C PRO H 174 16.60 -4.27 -3.46
N GLY H 175 16.28 -3.18 -2.76
CA GLY H 175 17.27 -2.15 -2.49
C GLY H 175 17.16 -1.01 -3.49
N GLN H 176 17.12 -1.36 -4.77
CA GLN H 176 16.93 -0.38 -5.85
C GLN H 176 15.55 0.32 -5.78
N PRO H 177 15.50 1.59 -6.19
CA PRO H 177 14.30 2.40 -5.98
C PRO H 177 13.31 2.25 -7.12
N ALA H 178 12.07 2.65 -6.86
CA ALA H 178 11.01 2.61 -7.88
C ALA H 178 10.75 4.00 -8.40
N THR H 179 10.40 4.09 -9.68
CA THR H 179 10.18 5.39 -10.33
C THR H 179 9.17 6.26 -9.57
N SER H 180 9.56 7.51 -9.37
CA SER H 180 8.78 8.45 -8.57
C SER H 180 7.95 9.39 -9.43
N THR H 181 6.85 9.88 -8.85
CA THR H 181 5.89 10.68 -9.59
C THR H 181 5.72 12.04 -8.92
N ALA H 182 5.55 13.09 -9.73
CA ALA H 182 5.32 14.44 -9.23
C ALA H 182 3.89 14.59 -8.71
N ARG H 183 3.76 15.09 -7.48
CA ARG H 183 2.48 15.13 -6.76
C ARG H 183 1.39 15.97 -7.44
N PRO H 184 0.13 15.49 -7.40
CA PRO H 184 -0.99 16.25 -7.96
C PRO H 184 -1.21 17.52 -7.15
N ASN H 185 -1.32 18.66 -7.85
CA ASN H 185 -1.50 19.94 -7.17
C ASN H 185 -2.93 20.17 -6.70
N ARG H 186 -3.10 20.42 -5.40
CA ARG H 186 -4.40 20.69 -4.81
C ARG H 186 -5.07 21.90 -5.45
N PHE H 187 -4.25 22.83 -5.92
CA PHE H 187 -4.73 24.10 -6.43
C PHE H 187 -4.69 24.22 -7.95
N GLY H 188 -4.46 23.10 -8.63
CA GLY H 188 -4.37 23.12 -10.09
C GLY H 188 -5.70 23.48 -10.71
N LYS H 189 -5.68 23.72 -12.02
CA LYS H 189 -6.89 23.97 -12.77
C LYS H 189 -7.83 22.78 -12.64
N LYS H 190 -9.11 23.05 -12.37
CA LYS H 190 -10.11 22.01 -12.17
C LYS H 190 -11.50 22.46 -12.59
N THR H 191 -12.00 21.90 -13.68
CA THR H 191 -13.37 22.21 -14.10
C THR H 191 -14.41 21.34 -13.39
N MET H 192 -15.49 21.96 -12.93
CA MET H 192 -16.58 21.22 -12.31
C MET H 192 -17.50 20.60 -13.37
N LEU H 193 -18.03 19.43 -13.06
CA LEU H 193 -18.93 18.74 -13.97
C LEU H 193 -20.25 18.49 -13.27
N CYS H 194 -21.32 18.94 -13.89
CA CYS H 194 -22.67 18.69 -13.39
C CYS H 194 -23.36 17.84 -14.42
N VAL H 195 -23.66 16.60 -14.05
CA VAL H 195 -24.29 15.67 -14.99
C VAL H 195 -25.50 14.97 -14.39
N TRP H 196 -26.52 14.80 -15.22
CA TRP H 196 -27.73 14.08 -14.86
C TRP H 196 -27.93 12.94 -15.85
N TRP H 197 -28.41 11.81 -15.36
CA TRP H 197 -28.51 10.60 -16.18
C TRP H 197 -29.69 9.73 -15.74
N ASP H 198 -29.92 8.67 -16.51
CA ASP H 198 -31.10 7.83 -16.37
C ASP H 198 -30.75 6.44 -16.84
N GLN H 199 -31.54 5.45 -16.43
CA GLN H 199 -31.24 4.03 -16.69
C GLN H 199 -30.84 3.67 -18.13
N SER H 200 -31.06 4.59 -19.06
CA SER H 200 -30.76 4.33 -20.47
C SER H 200 -29.60 5.16 -21.01
N GLY H 201 -29.09 6.07 -20.20
CA GLY H 201 -27.97 6.92 -20.61
C GLY H 201 -27.97 8.28 -19.94
N VAL H 202 -26.96 9.08 -20.28
CA VAL H 202 -26.85 10.44 -19.76
C VAL H 202 -27.77 11.37 -20.53
N ILE H 203 -28.53 12.18 -19.79
CA ILE H 203 -29.52 13.08 -20.38
C ILE H 203 -28.89 14.40 -20.82
N TYR H 204 -28.32 15.12 -19.85
CA TYR H 204 -27.74 16.42 -20.12
C TYR H 204 -26.66 16.73 -19.08
N TYR H 205 -25.46 17.07 -19.57
CA TYR H 205 -24.36 17.43 -18.68
C TYR H 205 -23.85 18.84 -18.97
N GLU H 206 -23.30 19.47 -17.94
CA GLU H 206 -22.87 20.85 -18.05
C GLU H 206 -21.49 20.99 -17.41
N LEU H 207 -20.47 21.09 -18.26
CA LEU H 207 -19.10 21.25 -17.78
C LEU H 207 -18.79 22.72 -17.51
N LEU H 208 -18.66 23.07 -16.24
CA LEU H 208 -18.40 24.45 -15.82
C LEU H 208 -16.98 24.91 -16.14
N LYS H 209 -16.84 26.21 -16.39
CA LYS H 209 -15.54 26.86 -16.55
C LYS H 209 -14.85 26.84 -15.18
N PRO H 210 -13.49 26.88 -15.17
CA PRO H 210 -12.73 26.89 -13.94
C PRO H 210 -13.42 27.53 -12.71
N GLY H 211 -13.34 28.85 -12.59
CA GLY H 211 -13.85 29.54 -11.41
C GLY H 211 -15.29 29.28 -11.02
N GLU H 212 -16.11 28.87 -11.99
CA GLU H 212 -17.57 28.80 -11.85
C GLU H 212 -18.13 28.06 -10.63
N THR H 213 -19.14 28.67 -10.02
CA THR H 213 -19.79 28.15 -8.82
C THR H 213 -21.22 27.75 -9.13
N VAL H 214 -21.84 26.98 -8.23
CA VAL H 214 -23.25 26.60 -8.35
C VAL H 214 -24.04 27.14 -7.14
N ASN H 215 -24.96 28.06 -7.42
CA ASN H 215 -25.78 28.70 -6.39
C ASN H 215 -27.27 28.50 -6.65
N ALA H 216 -28.11 28.83 -5.66
CA ALA H 216 -29.55 28.64 -5.82
C ALA H 216 -29.97 29.06 -7.23
N ALA H 217 -29.42 30.18 -7.67
CA ALA H 217 -29.64 30.71 -9.01
C ALA H 217 -29.29 29.70 -10.11
N ARG H 218 -28.00 29.40 -10.26
CA ARG H 218 -27.55 28.57 -11.38
C ARG H 218 -28.20 27.20 -11.40
N TYR H 219 -28.42 26.63 -10.22
CA TYR H 219 -28.99 25.30 -10.14
C TYR H 219 -30.34 25.27 -10.86
N GLN H 220 -31.20 26.24 -10.55
CA GLN H 220 -32.49 26.38 -11.21
C GLN H 220 -32.29 26.37 -12.72
N GLN H 221 -31.48 27.30 -13.21
CA GLN H 221 -31.18 27.42 -14.64
C GLN H 221 -30.93 26.05 -15.28
N GLN H 222 -30.09 25.25 -14.64
CA GLN H 222 -29.75 23.93 -15.15
C GLN H 222 -30.95 22.98 -15.12
N LEU H 223 -31.74 23.06 -14.05
CA LEU H 223 -32.90 22.20 -13.90
C LEU H 223 -33.87 22.41 -15.05
N ILE H 224 -33.96 23.64 -15.54
CA ILE H 224 -34.81 23.98 -16.68
C ILE H 224 -34.18 23.46 -17.97
N ASN H 225 -32.89 23.75 -18.14
CA ASN H 225 -32.12 23.26 -19.28
C ASN H 225 -32.19 21.74 -19.37
N LEU H 226 -32.15 21.10 -18.21
CA LEU H 226 -32.35 19.67 -18.10
C LEU H 226 -33.69 19.31 -18.74
N ASN H 227 -34.76 19.91 -18.25
CA ASN H 227 -36.11 19.61 -18.69
C ASN H 227 -36.27 19.67 -20.21
N ARG H 228 -35.79 20.75 -20.82
CA ARG H 228 -35.86 20.89 -22.28
C ARG H 228 -35.22 19.70 -22.97
N ALA H 229 -33.99 19.37 -22.59
CA ALA H 229 -33.26 18.24 -23.14
C ALA H 229 -33.96 16.93 -22.82
N LEU H 230 -34.71 16.91 -21.72
CA LEU H 230 -35.44 15.72 -21.29
C LEU H 230 -36.64 15.49 -22.21
N GLN H 231 -37.23 16.58 -22.69
CA GLN H 231 -38.43 16.51 -23.53
C GLN H 231 -38.17 15.88 -24.90
N ARG H 232 -36.99 16.17 -25.46
CA ARG H 232 -36.62 15.67 -26.79
C ARG H 232 -35.86 14.34 -26.75
N LYS H 233 -34.98 14.18 -25.75
CA LYS H 233 -34.22 12.94 -25.61
C LYS H 233 -35.05 11.83 -24.94
N ARG H 234 -35.85 12.21 -23.95
CA ARG H 234 -36.79 11.30 -23.32
C ARG H 234 -38.23 11.76 -23.62
N PRO H 235 -38.70 11.49 -24.85
CA PRO H 235 -39.97 12.05 -25.33
C PRO H 235 -41.22 11.53 -24.62
N GLU H 236 -41.08 10.50 -23.79
CA GLU H 236 -42.22 9.87 -23.13
C GLU H 236 -42.65 10.52 -21.82
N TYR H 237 -41.69 11.01 -21.04
CA TYR H 237 -41.99 11.61 -19.74
C TYR H 237 -42.96 12.78 -19.84
N ARG H 243 -44.50 10.09 -14.63
CA ARG H 243 -43.81 11.34 -14.31
C ARG H 243 -42.43 11.14 -13.66
N VAL H 244 -41.49 12.00 -14.02
CA VAL H 244 -40.09 11.92 -13.60
C VAL H 244 -39.88 11.94 -12.09
N ILE H 245 -39.01 11.03 -11.62
CA ILE H 245 -38.54 11.01 -10.23
C ILE H 245 -37.10 11.49 -10.15
N PHE H 246 -36.87 12.54 -9.37
CA PHE H 246 -35.56 13.15 -9.31
C PHE H 246 -34.80 12.73 -8.05
N LEU H 247 -33.56 12.26 -8.26
CA LEU H 247 -32.67 11.91 -7.17
C LEU H 247 -31.42 12.78 -7.17
N HIS H 248 -31.24 13.54 -6.09
CA HIS H 248 -30.06 14.39 -5.91
C HIS H 248 -29.79 14.63 -4.43
N ASP H 249 -28.51 14.77 -4.10
CA ASP H 249 -28.08 14.90 -2.71
C ASP H 249 -28.44 16.24 -2.09
N ASN H 250 -28.26 16.33 -0.78
CA ASN H 250 -28.74 17.47 -0.03
C ASN H 250 -27.84 18.68 -0.05
N ALA H 251 -27.21 18.91 -1.21
CA ALA H 251 -26.35 20.09 -1.41
C ALA H 251 -27.13 21.35 -1.03
N PRO H 252 -26.48 22.28 -0.31
CA PRO H 252 -27.23 23.46 0.10
C PRO H 252 -27.94 24.11 -1.07
N SER H 253 -27.30 24.09 -2.24
CA SER H 253 -27.88 24.60 -3.47
C SER H 253 -29.09 23.78 -3.93
N HIS H 254 -29.03 22.48 -3.73
CA HIS H 254 -30.11 21.56 -4.13
C HIS H 254 -31.34 21.70 -3.21
N THR H 255 -31.13 22.29 -2.03
CA THR H 255 -32.15 22.32 -1.00
C THR H 255 -32.63 23.73 -0.67
N ALA H 256 -32.47 24.63 -1.65
CA ALA H 256 -32.90 26.03 -1.48
C ALA H 256 -34.40 26.18 -1.63
N ARG H 257 -34.97 27.14 -0.90
CA ARG H 257 -36.40 27.44 -1.00
C ARG H 257 -36.79 27.55 -2.47
N ALA H 258 -36.07 28.42 -3.17
CA ALA H 258 -36.29 28.69 -4.59
C ALA H 258 -36.37 27.43 -5.45
N VAL H 259 -35.44 26.51 -5.25
CA VAL H 259 -35.32 25.32 -6.09
C VAL H 259 -36.47 24.35 -5.88
N ARG H 260 -36.84 24.13 -4.62
CA ARG H 260 -37.94 23.21 -4.29
C ARG H 260 -39.20 23.62 -5.04
N ASP H 261 -39.31 24.93 -5.29
CA ASP H 261 -40.43 25.48 -6.05
C ASP H 261 -40.24 25.31 -7.56
N THR H 262 -39.01 25.43 -8.04
CA THR H 262 -38.68 25.19 -9.45
C THR H 262 -38.95 23.73 -9.79
N LEU H 263 -38.87 22.89 -8.77
CA LEU H 263 -39.14 21.46 -8.90
C LEU H 263 -40.63 21.20 -8.91
N GLU H 264 -41.36 21.92 -8.06
CA GLU H 264 -42.82 21.85 -8.03
C GLU H 264 -43.42 22.28 -9.37
N THR H 265 -42.91 23.41 -9.88
CA THR H 265 -43.38 23.96 -11.16
C THR H 265 -43.12 23.02 -12.32
N LEU H 266 -42.16 22.10 -12.15
CA LEU H 266 -41.88 21.07 -13.17
C LEU H 266 -42.67 19.80 -12.88
N ASN H 267 -43.16 19.70 -11.64
CA ASN H 267 -43.92 18.54 -11.17
C ASN H 267 -43.08 17.25 -11.09
N TRP H 268 -41.99 17.31 -10.34
CA TRP H 268 -41.09 16.16 -10.16
C TRP H 268 -41.10 15.63 -8.74
N GLU H 269 -41.22 14.32 -8.61
CA GLU H 269 -41.16 13.67 -7.31
C GLU H 269 -39.70 13.56 -6.92
N VAL H 270 -39.33 14.22 -5.83
CA VAL H 270 -37.98 14.11 -5.31
C VAL H 270 -37.88 12.99 -4.28
N LEU H 271 -37.08 11.96 -4.59
CA LEU H 271 -36.86 10.87 -3.66
C LEU H 271 -36.08 11.36 -2.45
N PRO H 272 -36.49 10.92 -1.24
CA PRO H 272 -35.77 11.27 -0.01
C PRO H 272 -34.38 10.67 -0.04
N HIS H 273 -33.40 11.39 0.48
CA HIS H 273 -32.02 10.92 0.39
C HIS H 273 -31.21 11.41 1.59
N ALA H 274 -31.09 10.54 2.60
CA ALA H 274 -30.40 10.86 3.84
C ALA H 274 -29.04 11.49 3.59
N ALA H 275 -28.66 12.43 4.46
CA ALA H 275 -27.39 13.11 4.33
C ALA H 275 -26.22 12.16 4.53
N TYR H 276 -25.09 12.49 3.90
CA TYR H 276 -23.86 11.70 3.99
C TYR H 276 -24.03 10.28 3.45
N SER H 277 -24.64 10.16 2.28
CA SER H 277 -24.95 8.84 1.74
C SER H 277 -24.55 8.66 0.29
N PRO H 278 -23.32 9.10 -0.08
CA PRO H 278 -22.88 9.01 -1.47
C PRO H 278 -22.90 7.58 -1.98
N ASP H 279 -22.97 6.64 -1.05
CA ASP H 279 -23.03 5.20 -1.36
C ASP H 279 -24.40 4.80 -1.81
N LEU H 280 -25.32 5.76 -1.84
CA LEU H 280 -26.70 5.50 -2.30
C LEU H 280 -27.08 6.37 -3.50
N ALA H 281 -26.12 7.16 -3.96
CA ALA H 281 -26.30 8.04 -5.12
C ALA H 281 -25.65 7.44 -6.35
N PRO H 282 -26.47 6.88 -7.26
CA PRO H 282 -25.92 6.15 -8.40
C PRO H 282 -24.88 6.97 -9.13
N SER H 283 -25.00 8.28 -9.07
CA SER H 283 -24.03 9.16 -9.69
C SER H 283 -22.61 8.98 -9.11
N ASP H 284 -22.51 8.98 -7.77
CA ASP H 284 -21.22 8.76 -7.10
C ASP H 284 -20.83 7.27 -7.09
N TYR H 285 -21.60 6.46 -6.38
CA TYR H 285 -21.25 5.04 -6.18
C TYR H 285 -21.04 4.23 -7.46
N HIS H 286 -21.47 4.75 -8.61
CA HIS H 286 -21.38 3.99 -9.87
C HIS H 286 -20.84 4.74 -11.08
N LEU H 287 -21.37 5.92 -11.38
CA LEU H 287 -20.94 6.65 -12.58
C LEU H 287 -19.58 7.31 -12.42
N PHE H 288 -19.44 8.16 -11.40
CA PHE H 288 -18.15 8.78 -11.11
C PHE H 288 -17.10 7.75 -10.71
N ALA H 289 -17.55 6.71 -10.01
CA ALA H 289 -16.70 5.58 -9.68
C ALA H 289 -16.00 5.08 -10.95
N SER H 290 -16.77 4.70 -11.95
CA SER H 290 -16.19 4.22 -13.19
C SER H 290 -15.32 5.29 -13.81
N MET H 291 -15.62 6.54 -13.51
CA MET H 291 -14.85 7.63 -14.11
C MET H 291 -13.46 7.72 -13.50
N GLY H 292 -13.38 7.65 -12.17
CA GLY H 292 -12.10 7.69 -11.44
C GLY H 292 -11.06 6.75 -12.03
N HIS H 293 -11.50 5.56 -12.44
CA HIS H 293 -10.60 4.61 -13.07
C HIS H 293 -10.14 5.17 -14.40
N ALA H 294 -11.10 5.46 -15.27
CA ALA H 294 -10.79 5.92 -16.63
C ALA H 294 -9.99 7.22 -16.66
N LEU H 295 -10.05 8.01 -15.58
CA LEU H 295 -9.37 9.30 -15.56
C LEU H 295 -7.89 9.20 -15.18
N ALA H 296 -7.51 8.06 -14.63
CA ALA H 296 -6.11 7.83 -14.25
C ALA H 296 -5.12 8.27 -15.32
N GLU H 297 -4.00 8.84 -14.86
CA GLU H 297 -2.90 9.28 -15.72
C GLU H 297 -3.31 10.10 -16.93
N GLN H 298 -4.52 10.64 -16.90
CA GLN H 298 -5.02 11.44 -18.02
C GLN H 298 -4.70 12.92 -17.85
N ARG H 299 -4.15 13.51 -18.91
CA ARG H 299 -3.89 14.95 -18.96
C ARG H 299 -4.89 15.65 -19.88
N PHE H 300 -5.33 16.83 -19.47
CA PHE H 300 -6.21 17.65 -20.29
C PHE H 300 -5.59 19.03 -20.45
N ASP H 301 -5.21 19.37 -21.68
CA ASP H 301 -4.59 20.66 -21.98
C ASP H 301 -5.64 21.75 -22.18
N SER H 302 -6.74 21.39 -22.84
CA SER H 302 -7.80 22.35 -23.15
C SER H 302 -9.14 21.98 -22.51
N TYR H 303 -9.91 23.01 -22.16
CA TYR H 303 -11.26 22.83 -21.66
C TYR H 303 -12.09 22.04 -22.67
N GLU H 304 -11.82 22.28 -23.96
CA GLU H 304 -12.53 21.58 -25.04
C GLU H 304 -12.32 20.08 -25.01
N SER H 305 -11.11 19.65 -24.66
CA SER H 305 -10.80 18.23 -24.61
C SER H 305 -11.52 17.51 -23.46
N VAL H 306 -11.74 18.23 -22.36
CA VAL H 306 -12.50 17.67 -21.24
C VAL H 306 -13.91 17.34 -21.72
N LYS H 307 -14.49 18.26 -22.49
CA LYS H 307 -15.78 18.01 -23.13
C LYS H 307 -15.66 16.93 -24.20
N LYS H 308 -14.58 16.98 -24.98
CA LYS H 308 -14.36 16.00 -26.04
C LYS H 308 -14.18 14.59 -25.46
N TRP H 309 -13.49 14.52 -24.33
CA TRP H 309 -13.29 13.27 -23.59
C TRP H 309 -14.65 12.74 -23.11
N LEU H 310 -15.35 13.56 -22.33
CA LEU H 310 -16.63 13.17 -21.75
C LEU H 310 -17.62 12.72 -22.82
N ASP H 311 -17.74 13.51 -23.89
CA ASP H 311 -18.65 13.17 -24.98
C ASP H 311 -18.38 11.76 -25.50
N GLU H 312 -17.13 11.49 -25.86
CA GLU H 312 -16.75 10.19 -26.40
C GLU H 312 -16.84 9.09 -25.36
N TRP H 313 -16.64 9.45 -24.08
CA TRP H 313 -16.72 8.48 -23.00
C TRP H 313 -18.17 8.04 -22.73
N PHE H 314 -19.03 9.01 -22.39
CA PHE H 314 -20.43 8.74 -22.16
C PHE H 314 -21.05 8.00 -23.33
N ALA H 315 -20.61 8.34 -24.53
CA ALA H 315 -21.09 7.74 -25.77
C ALA H 315 -20.75 6.25 -25.86
N ALA H 316 -19.46 5.94 -25.82
CA ALA H 316 -18.98 4.57 -26.00
C ALA H 316 -19.45 3.61 -24.90
N LYS H 317 -19.99 4.15 -23.82
CA LYS H 317 -20.53 3.32 -22.74
C LYS H 317 -21.77 2.58 -23.20
N ASP H 318 -21.65 1.26 -23.32
CA ASP H 318 -22.77 0.39 -23.61
C ASP H 318 -23.99 0.75 -22.74
N ASP H 319 -25.18 0.58 -23.31
CA ASP H 319 -26.43 0.97 -22.64
C ASP H 319 -26.64 0.32 -21.27
N GLU H 320 -26.28 -0.95 -21.14
CA GLU H 320 -26.45 -1.69 -19.91
C GLU H 320 -25.72 -1.04 -18.73
N PHE H 321 -24.48 -0.60 -18.97
CA PHE H 321 -23.68 0.03 -17.93
C PHE H 321 -24.50 0.92 -17.00
N TYR H 322 -25.24 1.85 -17.58
CA TYR H 322 -26.05 2.79 -16.81
C TYR H 322 -27.17 2.04 -16.14
N TRP H 323 -27.76 1.08 -16.86
CA TRP H 323 -28.86 0.29 -16.35
C TRP H 323 -28.51 -0.40 -15.03
N ARG H 324 -27.36 -1.08 -15.00
CA ARG H 324 -26.86 -1.73 -13.80
C ARG H 324 -26.70 -0.71 -12.68
N GLY H 325 -26.08 0.42 -13.00
CA GLY H 325 -25.87 1.47 -12.02
C GLY H 325 -27.11 1.70 -11.20
N ILE H 326 -28.21 2.00 -11.89
CA ILE H 326 -29.47 2.36 -11.24
C ILE H 326 -30.08 1.16 -10.52
N HIS H 327 -30.05 0.00 -11.16
CA HIS H 327 -30.71 -1.18 -10.61
C HIS H 327 -29.98 -1.80 -9.44
N LYS H 328 -28.79 -1.26 -9.15
CA LYS H 328 -28.06 -1.67 -7.95
C LYS H 328 -28.58 -0.99 -6.68
N LEU H 329 -29.47 -0.01 -6.86
CA LEU H 329 -30.10 0.68 -5.72
C LEU H 329 -30.81 -0.28 -4.78
N PRO H 330 -31.71 -1.13 -5.32
CA PRO H 330 -32.39 -2.11 -4.51
C PRO H 330 -31.49 -2.80 -3.48
N GLU H 331 -30.38 -3.39 -3.95
CA GLU H 331 -29.50 -4.14 -3.04
C GLU H 331 -28.76 -3.24 -2.05
N ARG H 332 -28.38 -2.05 -2.48
CA ARG H 332 -27.75 -1.11 -1.58
C ARG H 332 -28.73 -0.72 -0.47
N TRP H 333 -30.01 -0.58 -0.81
CA TRP H 333 -31.02 -0.32 0.20
C TRP H 333 -31.13 -1.45 1.22
N GLU H 334 -31.27 -2.68 0.74
CA GLU H 334 -31.27 -3.81 1.67
C GLU H 334 -30.01 -3.77 2.54
N LYS H 335 -28.85 -3.67 1.89
CA LYS H 335 -27.57 -3.64 2.59
C LYS H 335 -27.48 -2.47 3.56
N CYS H 336 -27.89 -1.28 3.12
CA CYS H 336 -27.97 -0.10 3.99
C CYS H 336 -28.87 -0.38 5.19
N VAL H 337 -29.89 -1.22 4.97
CA VAL H 337 -30.90 -1.49 5.99
C VAL H 337 -30.45 -2.54 6.99
N ALA H 338 -29.90 -3.64 6.48
CA ALA H 338 -29.47 -4.73 7.34
C ALA H 338 -28.33 -4.30 8.25
N SER H 339 -27.49 -3.39 7.76
CA SER H 339 -26.36 -2.90 8.51
C SER H 339 -26.75 -1.75 9.43
N ASP H 340 -28.05 -1.56 9.60
CA ASP H 340 -28.61 -0.59 10.56
C ASP H 340 -28.18 0.86 10.35
N GLY H 341 -27.75 1.19 9.13
CA GLY H 341 -27.39 2.56 8.81
C GLY H 341 -25.90 2.82 8.75
N LYS H 342 -25.12 1.97 9.42
CA LYS H 342 -23.67 2.02 9.29
C LYS H 342 -23.37 1.92 7.81
N TYR H 343 -22.23 2.45 7.36
CA TYR H 343 -21.87 2.27 5.96
C TYR H 343 -21.72 0.78 5.69
N PHE H 344 -21.83 0.38 4.43
CA PHE H 344 -21.94 -1.04 4.11
C PHE H 344 -20.96 -1.49 3.04
N GLU H 345 -20.49 -0.56 2.23
CA GLU H 345 -19.46 -0.87 1.24
C GLU H 345 -18.20 -1.42 1.91
#